data_3CVJ
#
_entry.id   3CVJ
#
_cell.length_a   57.490
_cell.length_b   83.430
_cell.length_c   183.770
_cell.angle_alpha   90.000
_cell.angle_beta   90.000
_cell.angle_gamma   90.000
#
_symmetry.space_group_name_H-M   'P 21 21 21'
#
loop_
_entity.id
_entity.type
_entity.pdbx_description
1 polymer 'Putative phosphoheptose isomerase'
2 non-polymer 'MAGNESIUM ION'
3 non-polymer 'ACETATE ION'
4 non-polymer 1,2-ETHANEDIOL
5 water water
#
_entity_poly.entity_id   1
_entity_poly.type   'polypeptide(L)'
_entity_poly.pdbx_seq_one_letter_code
;G(MSE)TSSFTDYCKFFNRILSEVQETQEQAIIKGAHLVSEAV(MSE)NGGRFYVFGSGHSH(MSE)IAEEIYNRAGGLA
LVTAILPPEL(MSE)LHERPNKSTYLERIEGLSKSYLKLHQVTNKDVI(MSE)IISNSGRNTVPVE(MSE)AIESRNIGA
KVIA(MSE)TS(MSE)KHSQKVTSRHKSGKKLYEYADVVLDNGAPVGDAGFQIANSEIYSGATSDSIGCFLAQALIVETL
HLLVQQGFEPPVFKSSNVDGADLYNDKIFNEYVKW
;
_entity_poly.pdbx_strand_id   A,B,C,D
#
loop_
_chem_comp.id
_chem_comp.type
_chem_comp.name
_chem_comp.formula
ACT non-polymer 'ACETATE ION' 'C2 H3 O2 -1'
EDO non-polymer 1,2-ETHANEDIOL 'C2 H6 O2'
MG non-polymer 'MAGNESIUM ION' 'Mg 2'
#
# COMPACT_ATOMS: atom_id res chain seq x y z
N GLY A 1 36.45 6.43 -21.59
CA GLY A 1 35.32 6.17 -22.51
C GLY A 1 35.46 4.90 -23.33
N MSE A 2 36.69 4.42 -23.56
CA MSE A 2 36.87 3.26 -24.48
C MSE A 2 36.25 2.02 -23.88
O MSE A 2 35.54 1.27 -24.54
CB MSE A 2 38.34 2.96 -24.84
CG MSE A 2 38.45 2.09 -26.15
SE MSE A 2 40.07 1.12 -26.56
CE MSE A 2 39.95 -0.28 -25.19
N THR A 3 36.53 1.78 -22.60
CA THR A 3 36.04 0.57 -21.96
C THR A 3 35.03 0.89 -20.85
N SER A 4 35.29 1.98 -20.15
CA SER A 4 34.48 2.40 -18.99
C SER A 4 33.93 3.82 -19.13
N SER A 5 32.73 4.01 -18.58
CA SER A 5 32.06 5.31 -18.59
C SER A 5 32.20 6.02 -17.25
N PHE A 6 32.73 5.31 -16.29
CA PHE A 6 32.74 5.76 -14.91
C PHE A 6 33.40 7.14 -14.68
N THR A 7 34.56 7.36 -15.29
CA THR A 7 35.29 8.63 -15.09
C THR A 7 34.53 9.79 -15.68
N ASP A 8 33.97 9.51 -16.84
CA ASP A 8 33.17 10.50 -17.57
C ASP A 8 31.91 10.80 -16.75
N TYR A 9 31.31 9.75 -16.16
CA TYR A 9 30.05 9.94 -15.47
C TYR A 9 30.27 10.75 -14.20
N CYS A 10 31.40 10.52 -13.57
CA CYS A 10 31.80 11.29 -12.37
C CYS A 10 31.95 12.77 -12.72
N LYS A 11 32.64 13.04 -13.81
CA LYS A 11 32.88 14.44 -14.24
C LYS A 11 31.57 15.12 -14.57
N PHE A 12 30.74 14.38 -15.29
CA PHE A 12 29.41 14.88 -15.69
C PHE A 12 28.63 15.30 -14.49
N PHE A 13 28.67 14.43 -13.52
CA PHE A 13 27.92 14.55 -12.28
C PHE A 13 28.47 15.66 -11.39
N ASN A 14 29.80 15.75 -11.33
CA ASN A 14 30.45 16.65 -10.39
C ASN A 14 30.27 18.06 -10.85
N ARG A 15 30.03 18.16 -12.15
N ARG A 15 30.02 18.18 -12.15
CA ARG A 15 29.82 19.45 -12.84
CA ARG A 15 29.82 19.50 -12.77
C ARG A 15 28.50 20.05 -12.38
C ARG A 15 28.50 20.05 -12.32
N ILE A 16 27.49 19.21 -12.45
CA ILE A 16 26.16 19.58 -12.01
C ILE A 16 26.16 19.91 -10.51
N LEU A 17 26.74 19.02 -9.71
CA LEU A 17 26.84 19.22 -8.24
C LEU A 17 27.59 20.52 -7.91
N SER A 18 28.71 20.76 -8.59
CA SER A 18 29.43 22.01 -8.35
C SER A 18 28.57 23.21 -8.62
N GLU A 19 27.76 23.15 -9.67
CA GLU A 19 26.99 24.32 -10.10
C GLU A 19 25.94 24.59 -9.03
N VAL A 20 25.44 23.48 -8.49
CA VAL A 20 24.30 23.50 -7.55
C VAL A 20 24.84 24.12 -6.26
N GLN A 21 26.01 23.66 -5.85
CA GLN A 21 26.61 24.11 -4.59
C GLN A 21 27.07 25.56 -4.72
N GLU A 22 27.45 25.95 -5.93
CA GLU A 22 28.00 27.32 -6.15
C GLU A 22 26.89 28.33 -6.12
N THR A 23 25.66 27.89 -6.36
CA THR A 23 24.55 28.81 -6.62
C THR A 23 23.40 28.76 -5.62
N GLN A 24 23.24 27.67 -4.89
CA GLN A 24 22.00 27.47 -4.11
C GLN A 24 22.11 27.83 -2.65
N GLU A 25 23.26 28.39 -2.25
CA GLU A 25 23.49 28.68 -0.83
C GLU A 25 22.50 29.66 -0.22
N GLN A 26 22.20 30.72 -0.98
CA GLN A 26 21.33 31.79 -0.48
C GLN A 26 19.92 31.21 -0.36
N ALA A 27 19.58 30.33 -1.30
CA ALA A 27 18.25 29.72 -1.32
C ALA A 27 18.10 28.70 -0.18
N ILE A 28 19.18 27.97 0.09
CA ILE A 28 19.24 27.07 1.24
C ILE A 28 19.05 27.83 2.55
N ILE A 29 19.73 28.96 2.67
CA ILE A 29 19.67 29.78 3.90
C ILE A 29 18.25 30.33 4.09
N LYS A 30 17.62 30.67 2.99
CA LYS A 30 16.32 31.30 3.06
C LYS A 30 15.29 30.25 3.52
N GLY A 31 15.43 29.06 2.98
CA GLY A 31 14.54 27.95 3.28
C GLY A 31 14.69 27.51 4.71
N ALA A 32 15.91 27.57 5.20
CA ALA A 32 16.22 27.11 6.55
C ALA A 32 15.65 28.10 7.53
N HIS A 33 15.66 29.38 7.16
CA HIS A 33 14.97 30.39 7.98
C HIS A 33 13.45 30.09 8.05
N LEU A 34 12.88 29.71 6.93
CA LEU A 34 11.46 29.41 6.92
C LEU A 34 11.20 28.28 7.88
N VAL A 35 11.97 27.21 7.77
CA VAL A 35 11.68 25.99 8.51
C VAL A 35 11.99 26.24 9.98
N SER A 36 13.12 26.90 10.26
CA SER A 36 13.52 27.08 11.66
C SER A 36 12.51 27.98 12.37
N GLU A 37 11.94 28.93 11.64
N GLU A 37 11.94 28.92 11.61
CA GLU A 37 11.05 29.92 12.26
CA GLU A 37 11.07 29.94 12.19
C GLU A 37 9.75 29.24 12.57
C GLU A 37 9.72 29.32 12.49
N ALA A 38 9.34 28.38 11.65
CA ALA A 38 8.10 27.60 11.83
C ALA A 38 8.23 26.71 13.07
N VAL A 39 9.33 25.98 13.12
CA VAL A 39 9.58 25.03 14.21
C VAL A 39 9.49 25.74 15.58
N MSE A 40 10.07 26.92 15.66
CA MSE A 40 10.14 27.66 16.89
C MSE A 40 8.78 28.25 17.24
O MSE A 40 8.57 28.70 18.38
CB MSE A 40 11.14 28.78 16.79
CG MSE A 40 12.58 28.32 16.67
SE MSE A 40 13.85 29.79 16.72
CE MSE A 40 13.34 30.68 15.06
N ASN A 41 7.89 28.25 16.27
CA ASN A 41 6.55 28.89 16.36
C ASN A 41 5.47 27.84 16.45
N GLY A 42 5.87 26.61 16.66
CA GLY A 42 4.89 25.55 16.92
C GLY A 42 4.42 24.85 15.67
N GLY A 43 5.11 25.07 14.58
CA GLY A 43 4.78 24.39 13.30
C GLY A 43 5.57 23.14 12.98
N ARG A 44 5.21 22.60 11.82
CA ARG A 44 5.82 21.42 11.25
C ARG A 44 6.29 21.67 9.84
N PHE A 45 7.11 20.73 9.40
CA PHE A 45 7.65 20.77 8.07
C PHE A 45 7.13 19.56 7.33
N TYR A 46 6.23 19.81 6.39
CA TYR A 46 5.69 18.77 5.52
C TYR A 46 6.51 18.72 4.23
N VAL A 47 6.62 17.54 3.68
CA VAL A 47 7.40 17.31 2.46
C VAL A 47 6.70 16.35 1.56
N PHE A 48 6.69 16.72 0.30
CA PHE A 48 5.93 15.96 -0.70
C PHE A 48 6.58 16.02 -2.09
N GLY A 49 6.54 14.87 -2.74
CA GLY A 49 6.83 14.76 -4.16
C GLY A 49 6.04 13.64 -4.82
N SER A 50 5.76 13.84 -6.08
CA SER A 50 5.11 12.82 -6.89
C SER A 50 6.15 12.04 -7.70
N GLY A 51 5.82 10.77 -7.92
CA GLY A 51 6.71 9.87 -8.70
C GLY A 51 8.00 9.74 -7.94
N HIS A 52 9.10 9.87 -8.65
CA HIS A 52 10.41 9.61 -8.06
C HIS A 52 10.73 10.70 -7.07
N SER A 53 10.08 11.83 -7.24
CA SER A 53 10.37 12.98 -6.40
C SER A 53 10.01 12.72 -4.95
N HIS A 54 9.12 11.75 -4.74
CA HIS A 54 8.66 11.37 -3.38
C HIS A 54 9.81 10.90 -2.46
N MSE A 55 10.87 10.43 -3.07
CA MSE A 55 11.97 9.88 -2.31
C MSE A 55 12.70 10.97 -1.55
O MSE A 55 13.31 10.72 -0.51
CB MSE A 55 12.86 8.97 -3.17
CG MSE A 55 13.70 9.61 -4.17
SE MSE A 55 14.84 8.28 -5.10
CE MSE A 55 13.66 7.78 -6.30
N ILE A 56 12.56 12.22 -2.01
CA ILE A 56 13.20 13.39 -1.32
C ILE A 56 12.48 13.68 -0.03
N ALA A 57 11.17 13.50 -0.04
CA ALA A 57 10.36 13.51 1.17
C ALA A 57 10.75 12.39 2.14
N GLU A 58 10.92 11.20 1.60
CA GLU A 58 11.34 10.03 2.37
C GLU A 58 12.67 10.34 3.06
N GLU A 59 13.52 11.02 2.35
CA GLU A 59 14.94 11.16 2.71
C GLU A 59 15.14 11.87 4.05
N ILE A 60 14.25 12.80 4.37
CA ILE A 60 14.45 13.61 5.56
C ILE A 60 13.42 13.24 6.62
N TYR A 61 12.79 12.11 6.39
CA TYR A 61 11.67 11.66 7.26
C TYR A 61 12.00 10.40 7.99
N ASN A 62 11.73 10.46 9.28
CA ASN A 62 11.95 9.36 10.21
C ASN A 62 13.31 8.74 10.04
N ARG A 63 14.37 9.52 10.16
CA ARG A 63 15.66 8.88 10.05
C ARG A 63 16.77 9.46 10.87
N ALA A 64 17.86 8.70 10.98
CA ALA A 64 19.00 9.13 11.79
C ALA A 64 19.42 10.47 11.26
N GLY A 65 19.60 11.42 12.16
CA GLY A 65 19.98 12.77 11.79
C GLY A 65 18.76 13.58 11.34
N GLY A 66 17.62 12.93 11.41
CA GLY A 66 16.36 13.56 11.02
C GLY A 66 15.64 14.41 12.07
N LEU A 67 15.11 15.52 11.58
CA LEU A 67 14.33 16.46 12.40
C LEU A 67 12.95 15.84 12.54
N ALA A 68 12.55 15.62 13.78
CA ALA A 68 11.32 14.83 14.12
C ALA A 68 10.03 15.60 13.79
N LEU A 69 10.20 16.87 13.49
CA LEU A 69 9.09 17.74 13.09
C LEU A 69 8.85 17.74 11.58
N VAL A 70 9.56 16.87 10.87
CA VAL A 70 9.34 16.57 9.44
C VAL A 70 8.30 15.46 9.31
N THR A 71 7.23 15.75 8.57
CA THR A 71 6.24 14.76 8.16
C THR A 71 6.21 14.68 6.64
N ALA A 72 6.56 13.51 6.12
CA ALA A 72 6.50 13.29 4.68
C ALA A 72 5.06 12.96 4.38
N ILE A 73 4.54 13.52 3.30
CA ILE A 73 3.21 13.20 2.83
C ILE A 73 3.47 12.26 1.67
N LEU A 74 3.05 11.01 1.84
CA LEU A 74 3.46 9.94 0.96
C LEU A 74 2.27 9.11 0.48
N PRO A 75 1.40 9.70 -0.35
CA PRO A 75 0.29 8.90 -0.90
C PRO A 75 0.81 7.79 -1.82
N PRO A 76 0.55 6.53 -1.48
CA PRO A 76 1.17 5.47 -2.26
C PRO A 76 0.75 5.49 -3.71
N GLU A 77 -0.38 6.13 -3.98
CA GLU A 77 -0.94 6.15 -5.33
C GLU A 77 -0.05 6.99 -6.26
N LEU A 78 0.81 7.78 -5.66
CA LEU A 78 1.71 8.64 -6.44
C LEU A 78 3.17 8.20 -6.28
N MSE A 79 3.34 6.99 -5.79
CA MSE A 79 4.65 6.37 -5.73
C MSE A 79 4.81 5.37 -6.87
O MSE A 79 4.01 5.41 -7.85
CB MSE A 79 4.88 5.78 -4.35
CG MSE A 79 4.74 6.85 -3.22
SE MSE A 79 4.76 6.19 -1.36
CE MSE A 79 6.34 5.18 -1.42
N LEU A 80 5.80 4.46 -6.73
CA LEU A 80 6.26 3.64 -7.90
C LEU A 80 5.88 2.19 -7.86
N HIS A 81 5.47 1.74 -6.67
CA HIS A 81 5.38 0.32 -6.34
C HIS A 81 4.01 -0.33 -6.55
N GLU A 82 2.94 0.45 -6.66
CA GLU A 82 1.63 -0.16 -6.76
C GLU A 82 1.46 -0.86 -8.12
N ARG A 83 1.68 -0.07 -9.14
CA ARG A 83 1.71 -0.49 -10.54
C ARG A 83 2.54 0.48 -11.35
N PRO A 84 3.14 0.00 -12.45
CA PRO A 84 3.82 1.00 -13.24
C PRO A 84 2.85 1.98 -13.86
N ASN A 85 3.36 3.20 -13.99
CA ASN A 85 2.74 4.39 -14.61
C ASN A 85 1.57 5.06 -13.88
N LYS A 86 1.15 4.46 -12.76
CA LYS A 86 0.01 4.97 -12.03
C LYS A 86 0.29 6.39 -11.53
N SER A 87 1.51 6.63 -11.03
CA SER A 87 1.82 7.98 -10.55
C SER A 87 1.76 9.02 -11.70
N THR A 88 2.11 8.58 -12.89
CA THR A 88 2.14 9.48 -14.05
C THR A 88 0.78 10.02 -14.39
N TYR A 89 -0.17 9.10 -14.42
CA TYR A 89 -1.58 9.43 -14.65
C TYR A 89 -2.14 10.29 -13.56
N LEU A 90 -1.97 9.85 -12.33
CA LEU A 90 -2.64 10.51 -11.19
C LEU A 90 -2.10 11.94 -10.90
N GLU A 91 -0.87 12.18 -11.32
CA GLU A 91 -0.22 13.48 -11.12
C GLU A 91 -0.93 14.60 -11.91
N ARG A 92 -1.76 14.18 -12.83
CA ARG A 92 -2.49 15.10 -13.70
C ARG A 92 -3.89 15.38 -13.21
N ILE A 93 -4.23 14.82 -12.08
CA ILE A 93 -5.61 14.86 -11.58
C ILE A 93 -5.82 15.96 -10.57
N GLU A 94 -6.83 16.76 -10.85
CA GLU A 94 -7.32 17.81 -9.96
C GLU A 94 -7.99 17.32 -8.69
N GLY A 95 -7.62 17.95 -7.58
CA GLY A 95 -8.34 17.70 -6.34
C GLY A 95 -7.64 16.79 -5.36
N LEU A 96 -6.63 16.07 -5.85
CA LEU A 96 -5.84 15.17 -4.99
C LEU A 96 -5.05 15.93 -3.93
N SER A 97 -4.33 16.97 -4.33
CA SER A 97 -3.50 17.73 -3.39
C SER A 97 -4.30 18.44 -2.30
N LYS A 98 -5.47 18.93 -2.66
N LYS A 98 -5.47 18.93 -2.70
CA LYS A 98 -6.34 19.60 -1.71
CA LYS A 98 -6.41 19.57 -1.79
C LYS A 98 -6.80 18.59 -0.65
C LYS A 98 -6.79 18.59 -0.68
N SER A 99 -7.07 17.38 -1.09
CA SER A 99 -7.42 16.27 -0.16
C SER A 99 -6.23 15.92 0.75
N TYR A 100 -5.04 15.86 0.17
CA TYR A 100 -3.88 15.43 0.93
C TYR A 100 -3.68 16.42 2.07
N LEU A 101 -3.93 17.69 1.73
CA LEU A 101 -3.56 18.83 2.63
C LEU A 101 -4.50 18.84 3.79
N LYS A 102 -5.75 18.48 3.49
CA LYS A 102 -6.81 18.35 4.47
C LYS A 102 -6.53 17.17 5.39
N LEU A 103 -6.19 16.06 4.74
CA LEU A 103 -5.94 14.80 5.46
C LEU A 103 -4.80 15.00 6.42
N HIS A 104 -3.86 15.89 6.08
CA HIS A 104 -2.69 16.12 6.94
C HIS A 104 -2.82 17.33 7.85
N GLN A 105 -3.98 17.96 7.78
CA GLN A 105 -4.35 19.13 8.59
C GLN A 105 -3.26 20.16 8.62
N VAL A 106 -2.77 20.45 7.44
CA VAL A 106 -1.75 21.48 7.23
C VAL A 106 -2.35 22.80 7.58
N THR A 107 -1.58 23.60 8.32
CA THR A 107 -2.06 24.87 8.85
C THR A 107 -1.13 26.01 8.51
N ASN A 108 -1.57 27.22 8.90
CA ASN A 108 -0.85 28.43 8.56
C ASN A 108 0.45 28.59 9.36
N LYS A 109 0.73 27.63 10.25
CA LYS A 109 1.95 27.69 11.07
C LYS A 109 3.06 26.86 10.44
N ASP A 110 2.70 26.13 9.40
CA ASP A 110 3.61 25.15 8.84
C ASP A 110 4.36 25.63 7.63
N VAL A 111 5.32 24.81 7.23
CA VAL A 111 5.99 24.88 5.95
C VAL A 111 5.86 23.57 5.19
N ILE A 112 5.78 23.68 3.88
CA ILE A 112 5.77 22.54 3.01
C ILE A 112 6.81 22.71 1.89
N MSE A 113 7.52 21.62 1.64
CA MSE A 113 8.40 21.51 0.51
C MSE A 113 7.81 20.56 -0.49
O MSE A 113 7.44 19.44 -0.16
CB MSE A 113 9.79 21.03 0.95
CG MSE A 113 10.71 20.84 -0.23
SE MSE A 113 12.65 20.99 0.11
CE MSE A 113 12.82 19.32 1.08
N ILE A 114 7.64 21.09 -1.70
CA ILE A 114 7.12 20.33 -2.85
C ILE A 114 8.24 20.15 -3.86
N ILE A 115 8.48 18.88 -4.20
CA ILE A 115 9.57 18.49 -5.12
C ILE A 115 8.95 18.00 -6.44
N SER A 116 9.32 18.67 -7.51
CA SER A 116 8.91 18.30 -8.87
C SER A 116 9.92 18.85 -9.86
N ASN A 117 10.46 17.96 -10.68
N ASN A 117 10.46 17.97 -10.69
CA ASN A 117 11.48 18.34 -11.65
CA ASN A 117 11.50 18.40 -11.61
C ASN A 117 10.98 19.37 -12.62
C ASN A 117 11.01 19.36 -12.66
N SER A 118 9.86 19.04 -13.22
CA SER A 118 9.29 19.86 -14.27
C SER A 118 8.39 20.94 -13.68
N GLY A 119 7.76 20.61 -12.56
CA GLY A 119 6.85 21.53 -11.86
C GLY A 119 5.68 22.01 -12.70
N ARG A 120 5.26 21.17 -13.63
CA ARG A 120 4.29 21.61 -14.61
C ARG A 120 2.93 20.97 -14.46
N ASN A 121 2.86 19.89 -13.68
CA ASN A 121 1.60 19.11 -13.55
C ASN A 121 0.70 19.56 -12.40
N THR A 122 -0.54 19.09 -12.42
CA THR A 122 -1.59 19.65 -11.57
C THR A 122 -1.30 19.41 -10.09
N VAL A 123 -0.87 18.20 -9.77
CA VAL A 123 -0.69 17.85 -8.37
C VAL A 123 0.24 18.78 -7.66
N PRO A 124 1.51 18.91 -8.14
CA PRO A 124 2.42 19.77 -7.36
C PRO A 124 2.04 21.26 -7.40
N VAL A 125 1.43 21.71 -8.49
CA VAL A 125 1.06 23.12 -8.64
C VAL A 125 -0.14 23.42 -7.78
N GLU A 126 -1.12 22.53 -7.80
CA GLU A 126 -2.30 22.71 -6.94
C GLU A 126 -1.87 22.69 -5.47
N MSE A 127 -0.92 21.82 -5.15
CA MSE A 127 -0.46 21.73 -3.77
C MSE A 127 0.17 23.03 -3.29
O MSE A 127 -0.02 23.46 -2.14
CB MSE A 127 0.50 20.55 -3.54
CG MSE A 127 0.61 20.29 -2.06
SE MSE A 127 1.72 18.76 -1.69
CE MSE A 127 0.34 17.44 -2.11
N ALA A 128 0.94 23.64 -4.17
CA ALA A 128 1.63 24.89 -3.87
C ALA A 128 0.62 26.00 -3.66
N ILE A 129 -0.38 26.02 -4.51
CA ILE A 129 -1.41 27.10 -4.50
C ILE A 129 -2.19 27.02 -3.17
N GLU A 130 -2.65 25.81 -2.87
CA GLU A 130 -3.52 25.56 -1.71
C GLU A 130 -2.75 25.78 -0.39
N SER A 131 -1.47 25.41 -0.40
CA SER A 131 -0.62 25.52 0.79
C SER A 131 -0.47 27.00 1.14
N ARG A 132 -0.19 27.85 0.17
CA ARG A 132 -0.17 29.32 0.44
C ARG A 132 -1.54 29.89 0.84
N ASN A 133 -2.57 29.39 0.19
CA ASN A 133 -3.96 29.82 0.51
C ASN A 133 -4.29 29.54 1.98
N ILE A 134 -3.78 28.44 2.50
CA ILE A 134 -3.99 28.05 3.90
C ILE A 134 -3.20 28.99 4.77
N GLY A 135 -2.05 29.35 4.28
CA GLY A 135 -1.18 30.26 5.00
C GLY A 135 0.19 29.71 5.31
N ALA A 136 0.44 28.51 4.81
CA ALA A 136 1.77 27.86 4.94
C ALA A 136 2.80 28.53 4.05
N LYS A 137 4.05 28.45 4.47
CA LYS A 137 5.23 28.75 3.61
C LYS A 137 5.53 27.59 2.67
N VAL A 138 5.92 27.91 1.44
CA VAL A 138 6.20 26.91 0.38
C VAL A 138 7.65 26.99 -0.13
N ILE A 139 8.29 25.83 -0.06
CA ILE A 139 9.58 25.57 -0.67
C ILE A 139 9.36 24.63 -1.81
N ALA A 140 9.91 25.01 -2.96
CA ALA A 140 9.88 24.21 -4.19
C ALA A 140 11.30 23.71 -4.46
N MSE A 141 11.39 22.41 -4.73
CA MSE A 141 12.61 21.84 -5.30
C MSE A 141 12.30 21.38 -6.71
O MSE A 141 11.38 20.62 -6.96
CB MSE A 141 13.12 20.68 -4.47
CG MSE A 141 14.48 20.21 -4.91
SE MSE A 141 15.32 18.80 -3.93
CE MSE A 141 15.36 19.68 -2.17
N THR A 142 13.04 21.91 -7.65
CA THR A 142 12.70 21.71 -9.06
C THR A 142 13.98 21.78 -9.90
N SER A 143 13.87 21.44 -11.18
CA SER A 143 14.93 21.73 -12.12
C SER A 143 14.55 23.00 -12.86
N MSE A 144 15.22 24.09 -12.55
CA MSE A 144 14.84 25.40 -13.14
C MSE A 144 15.00 25.33 -14.64
O MSE A 144 14.26 25.94 -15.38
CB MSE A 144 15.62 26.57 -12.57
CG MSE A 144 15.00 27.09 -11.27
SE MSE A 144 13.05 27.42 -11.36
CE MSE A 144 13.05 29.06 -12.31
N LYS A 145 15.95 24.53 -15.09
CA LYS A 145 16.20 24.38 -16.52
C LYS A 145 15.03 23.73 -17.24
N HIS A 146 14.47 22.71 -16.62
CA HIS A 146 13.42 21.91 -17.24
C HIS A 146 12.14 22.68 -17.12
N SER A 147 11.95 23.26 -15.95
CA SER A 147 10.67 23.89 -15.63
C SER A 147 10.43 25.11 -16.50
N GLN A 148 11.50 25.83 -16.79
CA GLN A 148 11.40 27.08 -17.56
C GLN A 148 11.21 26.81 -19.05
N LYS A 149 11.64 25.65 -19.50
CA LYS A 149 11.55 25.26 -20.93
C LYS A 149 10.14 24.72 -21.30
N VAL A 150 9.45 24.17 -20.32
CA VAL A 150 8.16 23.50 -20.58
C VAL A 150 7.02 24.43 -20.22
N THR A 151 5.89 24.17 -20.85
CA THR A 151 4.65 24.88 -20.52
C THR A 151 3.94 24.15 -19.39
N SER A 152 3.20 24.93 -18.61
CA SER A 152 2.44 24.38 -17.48
C SER A 152 1.22 23.67 -18.03
N ARG A 153 0.86 22.58 -17.36
CA ARG A 153 -0.37 21.88 -17.69
C ARG A 153 -1.48 22.23 -16.72
N HIS A 154 -1.15 23.03 -15.73
CA HIS A 154 -2.13 23.45 -14.75
C HIS A 154 -2.98 24.62 -15.28
N LYS A 155 -4.23 24.64 -14.85
CA LYS A 155 -5.22 25.60 -15.38
C LYS A 155 -4.87 27.06 -15.15
N SER A 156 -3.98 27.32 -14.21
CA SER A 156 -3.52 28.68 -13.96
C SER A 156 -2.48 29.11 -14.98
N GLY A 157 -2.02 28.16 -15.79
CA GLY A 157 -0.93 28.40 -16.74
C GLY A 157 0.42 28.71 -16.11
N LYS A 158 0.50 28.52 -14.79
CA LYS A 158 1.77 28.67 -14.10
C LYS A 158 2.30 27.37 -13.50
N LYS A 159 3.56 27.48 -13.11
CA LYS A 159 4.38 26.36 -12.72
C LYS A 159 4.78 26.47 -11.26
N LEU A 160 5.24 25.34 -10.76
CA LEU A 160 5.46 25.16 -9.34
C LEU A 160 6.33 26.28 -8.76
N TYR A 161 7.46 26.56 -9.39
CA TYR A 161 8.39 27.56 -8.82
C TYR A 161 7.77 28.96 -8.71
N GLU A 162 6.79 29.22 -9.55
CA GLU A 162 6.16 30.54 -9.59
C GLU A 162 5.28 30.73 -8.35
N TYR A 163 5.06 29.65 -7.60
CA TYR A 163 4.12 29.68 -6.50
C TYR A 163 4.77 29.48 -5.14
N ALA A 164 6.09 29.46 -5.14
CA ALA A 164 6.85 29.13 -3.94
C ALA A 164 7.43 30.37 -3.32
N ASP A 165 7.68 30.30 -2.01
CA ASP A 165 8.42 31.34 -1.29
C ASP A 165 9.92 31.28 -1.52
N VAL A 166 10.40 30.05 -1.69
CA VAL A 166 11.82 29.80 -1.97
C VAL A 166 11.94 28.67 -2.97
N VAL A 167 12.84 28.81 -3.91
CA VAL A 167 13.12 27.73 -4.89
C VAL A 167 14.52 27.12 -4.73
N LEU A 168 14.56 25.80 -4.65
CA LEU A 168 15.82 25.04 -4.72
C LEU A 168 15.97 24.41 -6.10
N ASP A 169 17.04 24.79 -6.77
CA ASP A 169 17.34 24.27 -8.11
C ASP A 169 18.27 23.03 -8.01
N ASN A 170 17.72 21.86 -8.33
CA ASN A 170 18.51 20.61 -8.36
C ASN A 170 19.53 20.53 -9.52
N GLY A 171 19.49 21.52 -10.40
CA GLY A 171 20.46 21.62 -11.50
C GLY A 171 20.31 20.58 -12.60
N ALA A 172 19.32 19.73 -12.49
CA ALA A 172 19.14 18.67 -13.49
C ALA A 172 18.83 19.20 -14.91
N PRO A 173 19.52 18.65 -15.92
CA PRO A 173 19.13 18.99 -17.29
C PRO A 173 17.74 18.53 -17.67
N VAL A 174 17.18 19.28 -18.60
CA VAL A 174 15.86 18.95 -19.15
C VAL A 174 15.81 17.47 -19.48
N GLY A 175 14.80 16.81 -18.93
CA GLY A 175 14.60 15.38 -19.12
C GLY A 175 15.24 14.50 -18.04
N ASP A 176 16.25 15.01 -17.35
CA ASP A 176 16.82 14.32 -16.19
C ASP A 176 17.50 12.98 -16.58
N ALA A 177 17.91 12.90 -17.83
CA ALA A 177 18.79 11.81 -18.28
C ALA A 177 19.70 12.29 -19.38
N GLY A 178 20.79 12.95 -18.95
CA GLY A 178 21.57 13.80 -19.84
C GLY A 178 22.93 13.25 -20.21
N PHE A 179 23.24 12.11 -19.65
CA PHE A 179 24.52 11.44 -19.91
C PHE A 179 24.45 10.41 -21.01
N GLN A 180 25.15 10.70 -22.09
CA GLN A 180 25.16 9.86 -23.30
C GLN A 180 26.02 8.63 -23.16
N ILE A 181 25.48 7.49 -23.55
CA ILE A 181 26.22 6.24 -23.48
C ILE A 181 27.15 6.15 -24.69
N ALA A 182 28.40 6.49 -24.42
CA ALA A 182 29.42 6.75 -25.44
C ALA A 182 29.12 6.07 -26.73
N ASN A 183 28.80 6.86 -27.74
CA ASN A 183 28.64 6.34 -29.12
C ASN A 183 27.36 5.58 -29.36
N SER A 184 26.29 6.16 -28.84
CA SER A 184 24.93 5.69 -29.07
C SER A 184 24.00 6.87 -28.93
N GLU A 185 22.72 6.59 -29.07
CA GLU A 185 21.71 7.62 -28.88
C GLU A 185 21.05 7.39 -27.53
N ILE A 186 21.66 6.55 -26.72
CA ILE A 186 21.14 6.20 -25.38
C ILE A 186 21.65 7.17 -24.35
N TYR A 187 20.71 7.70 -23.58
CA TYR A 187 20.97 8.68 -22.51
C TYR A 187 20.52 8.14 -21.16
N SER A 188 21.31 8.45 -20.14
CA SER A 188 21.04 7.94 -18.80
C SER A 188 21.67 8.79 -17.72
N GLY A 189 21.78 8.21 -16.55
CA GLY A 189 22.43 8.87 -15.42
C GLY A 189 21.70 10.03 -14.82
N ALA A 190 20.41 9.84 -14.53
CA ALA A 190 19.60 10.86 -13.80
C ALA A 190 20.26 11.34 -12.52
N THR A 191 20.21 12.66 -12.29
CA THR A 191 20.86 13.32 -11.16
C THR A 191 19.86 13.98 -10.19
N SER A 192 18.58 14.05 -10.54
CA SER A 192 17.67 14.85 -9.72
C SER A 192 17.54 14.32 -8.29
N ASP A 193 17.62 13.01 -8.11
CA ASP A 193 17.48 12.43 -6.77
C ASP A 193 18.75 12.39 -5.94
N SER A 194 19.90 12.10 -6.54
CA SER A 194 21.14 12.14 -5.80
C SER A 194 21.39 13.54 -5.32
N ILE A 195 21.22 14.50 -6.24
CA ILE A 195 21.44 15.92 -5.91
C ILE A 195 20.33 16.43 -5.00
N GLY A 196 19.12 15.97 -5.29
CA GLY A 196 17.93 16.28 -4.48
C GLY A 196 18.08 15.92 -3.02
N CYS A 197 18.69 14.75 -2.76
CA CYS A 197 18.90 14.27 -1.40
C CYS A 197 19.90 15.12 -0.67
N PHE A 198 21.00 15.42 -1.37
CA PHE A 198 22.03 16.30 -0.82
C PHE A 198 21.39 17.63 -0.43
N LEU A 199 20.54 18.17 -1.28
CA LEU A 199 19.90 19.46 -1.01
C LEU A 199 18.96 19.43 0.19
N ALA A 200 18.18 18.36 0.27
CA ALA A 200 17.25 18.15 1.39
C ALA A 200 18.05 18.07 2.69
N GLN A 201 19.16 17.34 2.64
CA GLN A 201 19.99 17.19 3.83
C GLN A 201 20.63 18.53 4.22
N ALA A 202 21.13 19.27 3.23
CA ALA A 202 21.78 20.61 3.46
C ALA A 202 20.82 21.59 4.14
N LEU A 203 19.56 21.50 3.71
CA LEU A 203 18.48 22.37 4.24
C LEU A 203 18.24 22.10 5.70
N ILE A 204 18.14 20.82 6.02
CA ILE A 204 17.90 20.36 7.40
C ILE A 204 19.10 20.71 8.27
N VAL A 205 20.29 20.37 7.81
CA VAL A 205 21.54 20.80 8.52
C VAL A 205 21.57 22.27 8.83
N GLU A 206 21.27 23.07 7.82
CA GLU A 206 21.23 24.52 7.95
C GLU A 206 20.11 24.94 8.88
N THR A 207 18.99 24.23 8.84
CA THR A 207 17.85 24.53 9.72
C THR A 207 18.25 24.28 11.17
N LEU A 208 18.99 23.21 11.38
CA LEU A 208 19.35 22.78 12.74
C LEU A 208 20.38 23.75 13.30
N HIS A 209 21.17 24.27 12.38
CA HIS A 209 22.29 25.17 12.69
C HIS A 209 21.75 26.52 13.12
N LEU A 210 20.70 26.96 12.43
CA LEU A 210 19.99 28.19 12.80
C LEU A 210 19.31 28.07 14.17
N LEU A 211 18.85 26.86 14.47
CA LEU A 211 18.02 26.62 15.65
C LEU A 211 18.96 26.60 16.84
N VAL A 212 20.07 25.89 16.68
CA VAL A 212 21.08 25.79 17.75
C VAL A 212 21.62 27.18 18.04
N GLN A 213 21.74 28.00 17.01
CA GLN A 213 22.38 29.34 17.20
C GLN A 213 21.45 30.27 17.99
N GLN A 214 20.17 29.93 17.95
CA GLN A 214 19.13 30.75 18.58
C GLN A 214 18.70 30.11 19.89
N GLY A 215 19.44 29.07 20.25
CA GLY A 215 19.35 28.42 21.57
C GLY A 215 18.17 27.46 21.70
N PHE A 216 17.60 27.14 20.56
CA PHE A 216 16.50 26.18 20.47
C PHE A 216 17.08 24.79 20.33
N GLU A 217 16.68 23.86 21.20
CA GLU A 217 17.25 22.52 21.13
C GLU A 217 16.33 21.59 20.34
N PRO A 218 16.68 21.31 19.08
CA PRO A 218 15.67 20.63 18.23
C PRO A 218 15.68 19.13 18.41
N PRO A 219 14.54 18.48 18.15
CA PRO A 219 14.45 17.03 18.21
C PRO A 219 14.96 16.35 16.94
N VAL A 220 16.14 15.77 17.09
CA VAL A 220 16.86 15.10 15.99
C VAL A 220 17.14 13.68 16.43
N PHE A 221 16.71 12.76 15.57
CA PHE A 221 16.93 11.33 15.81
C PHE A 221 18.41 10.98 15.80
N LYS A 222 18.78 10.19 16.80
CA LYS A 222 20.15 9.75 16.95
C LYS A 222 20.28 8.41 16.29
N SER A 223 21.48 8.14 15.80
CA SER A 223 21.73 6.85 15.15
C SER A 223 22.07 5.78 16.17
N SER A 224 21.97 4.56 15.66
CA SER A 224 22.12 3.29 16.43
C SER A 224 23.35 3.25 17.33
N ASN A 225 24.46 3.74 16.80
CA ASN A 225 25.75 3.65 17.48
C ASN A 225 25.92 4.64 18.64
N VAL A 226 24.93 5.49 18.84
CA VAL A 226 25.01 6.51 19.92
C VAL A 226 24.36 6.01 21.18
N ASP A 227 24.95 6.40 22.29
CA ASP A 227 24.49 5.99 23.60
C ASP A 227 23.14 6.63 23.86
N GLY A 228 22.16 5.78 24.18
CA GLY A 228 20.84 6.23 24.63
C GLY A 228 19.96 6.56 23.44
N ALA A 229 20.46 6.23 22.27
CA ALA A 229 19.79 6.53 20.97
C ALA A 229 18.31 6.16 20.97
N ASP A 230 18.00 5.04 21.59
CA ASP A 230 16.70 4.37 21.40
C ASP A 230 15.65 4.93 22.33
N LEU A 231 16.06 5.26 23.53
CA LEU A 231 15.13 5.85 24.48
C LEU A 231 14.84 7.27 24.02
N TYR A 232 15.92 7.97 23.65
CA TYR A 232 15.82 9.38 23.23
C TYR A 232 14.88 9.44 22.02
N ASN A 233 15.11 8.52 21.10
CA ASN A 233 14.33 8.45 19.86
C ASN A 233 12.85 8.18 20.13
N ASP A 234 12.60 7.28 21.08
CA ASP A 234 11.20 6.95 21.42
C ASP A 234 10.54 8.19 21.96
N LYS A 235 11.34 8.93 22.71
CA LYS A 235 10.84 10.10 23.42
C LYS A 235 10.40 11.17 22.45
N ILE A 236 11.26 11.46 21.49
CA ILE A 236 10.99 12.52 20.53
C ILE A 236 9.92 12.06 19.54
N PHE A 237 9.97 10.79 19.16
CA PHE A 237 8.89 10.22 18.32
C PHE A 237 7.56 10.48 18.98
N ASN A 238 7.45 10.01 20.21
CA ASN A 238 6.21 10.16 20.99
C ASN A 238 5.78 11.59 21.16
N GLU A 239 6.74 12.49 21.22
CA GLU A 239 6.41 13.89 21.50
C GLU A 239 6.06 14.61 20.22
N TYR A 240 6.66 14.18 19.12
CA TYR A 240 6.66 14.96 17.86
C TYR A 240 6.21 14.27 16.57
N VAL A 241 6.39 12.98 16.41
CA VAL A 241 6.10 12.41 15.08
C VAL A 241 4.60 12.30 14.84
N LYS A 242 4.19 13.07 13.86
CA LYS A 242 2.85 13.02 13.28
C LYS A 242 3.07 12.43 11.89
N TRP A 243 2.04 11.74 11.40
CA TRP A 243 2.13 11.11 10.06
C TRP A 243 0.79 10.92 9.35
N GLY B 1 25.79 38.25 14.21
CA GLY B 1 24.58 37.52 13.72
C GLY B 1 24.89 36.12 13.28
N MSE B 2 23.97 35.56 12.54
CA MSE B 2 23.96 34.13 12.27
C MSE B 2 24.92 33.72 11.18
O MSE B 2 25.06 34.39 10.17
CB MSE B 2 22.55 33.66 11.96
CG MSE B 2 22.17 32.47 12.80
SE MSE B 2 20.47 32.73 13.68
CE MSE B 2 21.08 34.14 14.93
N THR B 3 25.58 32.59 11.43
CA THR B 3 26.47 31.92 10.45
C THR B 3 25.76 30.82 9.70
N SER B 4 26.47 30.32 8.70
CA SER B 4 25.95 29.29 7.77
C SER B 4 26.78 28.01 7.74
N SER B 5 26.08 26.90 7.67
CA SER B 5 26.65 25.57 7.75
C SER B 5 26.92 25.06 6.35
N PHE B 6 26.44 25.79 5.35
CA PHE B 6 26.38 25.25 3.97
C PHE B 6 27.76 24.92 3.35
N THR B 7 28.71 25.83 3.54
CA THR B 7 30.04 25.59 2.98
C THR B 7 30.63 24.35 3.60
N ASP B 8 30.55 24.33 4.92
CA ASP B 8 31.01 23.20 5.74
C ASP B 8 30.34 21.87 5.31
N TYR B 9 29.04 21.88 5.15
CA TYR B 9 28.32 20.66 4.80
C TYR B 9 28.72 20.25 3.37
N CYS B 10 28.90 21.23 2.50
CA CYS B 10 29.39 20.90 1.14
C CYS B 10 30.75 20.18 1.20
N LYS B 11 31.65 20.69 2.05
CA LYS B 11 33.01 20.14 2.14
C LYS B 11 32.95 18.73 2.71
N PHE B 12 32.14 18.58 3.73
CA PHE B 12 31.89 17.28 4.39
C PHE B 12 31.41 16.32 3.34
N PHE B 13 30.43 16.74 2.56
CA PHE B 13 29.81 15.84 1.57
C PHE B 13 30.83 15.50 0.47
N ASN B 14 31.51 16.52 0.00
CA ASN B 14 32.37 16.37 -1.16
C ASN B 14 33.52 15.42 -0.90
N ARG B 15 33.92 15.34 0.37
N ARG B 15 33.85 15.35 0.39
CA ARG B 15 35.04 14.46 0.74
CA ARG B 15 34.98 14.57 0.88
C ARG B 15 34.58 13.02 0.61
C ARG B 15 34.64 13.08 0.80
N ILE B 16 33.39 12.77 1.15
CA ILE B 16 32.85 11.42 1.07
C ILE B 16 32.69 11.02 -0.40
N LEU B 17 32.12 11.90 -1.19
CA LEU B 17 31.88 11.59 -2.60
C LEU B 17 33.19 11.36 -3.34
N SER B 18 34.21 12.14 -2.99
CA SER B 18 35.52 12.00 -3.65
C SER B 18 36.10 10.65 -3.44
N GLU B 19 36.10 10.30 -2.16
CA GLU B 19 36.67 9.02 -1.70
C GLU B 19 35.91 7.88 -2.38
N VAL B 20 34.61 8.03 -2.49
CA VAL B 20 33.79 7.00 -3.13
C VAL B 20 34.18 6.86 -4.64
N GLN B 21 34.29 8.00 -5.30
CA GLN B 21 34.60 8.04 -6.75
C GLN B 21 35.99 7.48 -7.00
N GLU B 22 36.89 7.74 -6.07
CA GLU B 22 38.29 7.33 -6.16
C GLU B 22 38.49 5.83 -5.91
N THR B 23 37.58 5.22 -5.17
CA THR B 23 37.82 3.86 -4.67
C THR B 23 36.85 2.82 -5.21
N GLN B 24 35.71 3.25 -5.75
CA GLN B 24 34.67 2.30 -6.17
C GLN B 24 34.63 2.01 -7.66
N GLU B 25 35.64 2.48 -8.40
CA GLU B 25 35.58 2.35 -9.87
C GLU B 25 35.65 0.90 -10.27
N GLN B 26 36.53 0.14 -9.63
CA GLN B 26 36.75 -1.28 -9.99
C GLN B 26 35.51 -2.14 -9.67
N ALA B 27 34.85 -1.76 -8.60
CA ALA B 27 33.61 -2.38 -8.11
C ALA B 27 32.43 -2.13 -9.02
N ILE B 28 32.28 -0.87 -9.38
CA ILE B 28 31.30 -0.44 -10.36
C ILE B 28 31.47 -1.24 -11.65
N ILE B 29 32.71 -1.35 -12.11
CA ILE B 29 32.99 -2.10 -13.36
C ILE B 29 32.63 -3.59 -13.24
N LYS B 30 33.04 -4.21 -12.14
CA LYS B 30 32.76 -5.64 -11.91
C LYS B 30 31.26 -5.86 -11.75
N GLY B 31 30.56 -4.88 -11.20
CA GLY B 31 29.13 -5.03 -10.95
C GLY B 31 28.44 -4.97 -12.29
N ALA B 32 28.93 -4.07 -13.14
CA ALA B 32 28.34 -3.84 -14.46
C ALA B 32 28.54 -5.05 -15.37
N HIS B 33 29.65 -5.75 -15.15
CA HIS B 33 29.90 -6.99 -15.89
C HIS B 33 28.89 -8.06 -15.49
N LEU B 34 28.60 -8.11 -14.18
CA LEU B 34 27.59 -9.05 -13.66
C LEU B 34 26.21 -8.78 -14.29
N VAL B 35 25.83 -7.50 -14.35
CA VAL B 35 24.48 -7.11 -14.82
C VAL B 35 24.36 -7.29 -16.34
N SER B 36 25.38 -6.86 -17.05
CA SER B 36 25.36 -6.94 -18.52
C SER B 36 25.35 -8.40 -18.96
N GLU B 37 26.13 -9.20 -18.25
CA GLU B 37 26.23 -10.63 -18.59
C GLU B 37 24.84 -11.24 -18.43
N ALA B 38 24.15 -10.88 -17.36
CA ALA B 38 22.79 -11.40 -17.07
C ALA B 38 21.79 -11.00 -18.15
N VAL B 39 21.82 -9.73 -18.50
CA VAL B 39 20.93 -9.19 -19.52
C VAL B 39 21.10 -9.95 -20.84
N MSE B 40 22.35 -10.09 -21.22
CA MSE B 40 22.71 -10.77 -22.48
C MSE B 40 22.34 -12.24 -22.47
O MSE B 40 22.13 -12.84 -23.51
CB MSE B 40 24.17 -10.57 -22.82
CG MSE B 40 24.40 -9.20 -23.42
SE MSE B 40 26.28 -8.78 -23.73
CE MSE B 40 27.12 -9.49 -22.08
N ASN B 41 22.20 -12.77 -21.26
CA ASN B 41 21.81 -14.18 -21.07
C ASN B 41 20.31 -14.40 -20.88
N GLY B 42 19.54 -13.33 -21.11
CA GLY B 42 18.08 -13.38 -20.93
C GLY B 42 17.65 -13.13 -19.49
N GLY B 43 18.57 -12.69 -18.65
CA GLY B 43 18.24 -12.34 -17.25
C GLY B 43 17.75 -10.91 -16.98
N ARG B 44 17.33 -10.69 -15.74
CA ARG B 44 16.92 -9.38 -15.22
C ARG B 44 17.75 -8.95 -14.06
N PHE B 45 17.59 -7.68 -13.73
CA PHE B 45 18.29 -7.08 -12.61
C PHE B 45 17.29 -6.68 -11.54
N TYR B 46 17.30 -7.45 -10.48
CA TYR B 46 16.46 -7.16 -9.32
C TYR B 46 17.16 -6.28 -8.35
N VAL B 47 16.44 -5.34 -7.77
CA VAL B 47 16.99 -4.42 -6.78
C VAL B 47 16.07 -4.31 -5.59
N PHE B 48 16.67 -4.38 -4.42
CA PHE B 48 15.97 -4.35 -3.19
C PHE B 48 16.68 -3.63 -2.07
N GLY B 49 15.91 -2.90 -1.30
CA GLY B 49 16.39 -2.40 0.00
C GLY B 49 15.30 -2.26 1.03
N SER B 50 15.69 -2.34 2.29
CA SER B 50 14.75 -2.13 3.39
C SER B 50 14.94 -0.76 4.05
N GLY B 51 13.84 -0.28 4.58
CA GLY B 51 13.78 1.08 5.09
C GLY B 51 14.13 2.06 4.00
N HIS B 52 14.96 2.99 4.37
CA HIS B 52 15.34 4.09 3.50
C HIS B 52 16.12 3.62 2.28
N SER B 53 16.86 2.55 2.46
CA SER B 53 17.62 1.88 1.37
C SER B 53 16.77 1.47 0.17
N HIS B 54 15.46 1.32 0.38
CA HIS B 54 14.55 0.95 -0.74
C HIS B 54 14.53 2.01 -1.85
N MSE B 55 14.88 3.24 -1.48
CA MSE B 55 14.88 4.34 -2.44
C MSE B 55 15.94 4.16 -3.55
O MSE B 55 15.74 4.58 -4.68
CB MSE B 55 14.97 5.68 -1.73
CG MSE B 55 16.31 6.19 -1.46
SE MSE B 55 16.03 8.03 -0.75
CE MSE B 55 15.33 7.59 0.91
N ILE B 56 16.98 3.38 -3.26
CA ILE B 56 17.99 3.09 -4.29
C ILE B 56 17.46 2.11 -5.33
N ALA B 57 16.51 1.29 -4.90
CA ALA B 57 15.79 0.38 -5.81
C ALA B 57 14.90 1.19 -6.73
N GLU B 58 14.15 2.08 -6.09
CA GLU B 58 13.27 3.03 -6.80
C GLU B 58 14.03 3.88 -7.82
N GLU B 59 15.22 4.30 -7.42
CA GLU B 59 16.06 5.25 -8.19
C GLU B 59 16.31 4.79 -9.64
N ILE B 60 16.49 3.50 -9.84
CA ILE B 60 16.88 2.96 -11.16
C ILE B 60 15.75 2.18 -11.79
N TYR B 61 14.57 2.40 -11.24
CA TYR B 61 13.33 1.72 -11.73
C TYR B 61 12.34 2.68 -12.34
N ASN B 62 11.92 2.34 -13.55
CA ASN B 62 10.86 2.99 -14.29
C ASN B 62 11.00 4.52 -14.37
N ARG B 63 12.19 4.93 -14.78
CA ARG B 63 12.43 6.36 -15.05
C ARG B 63 13.21 6.55 -16.32
N ALA B 64 13.18 7.80 -16.79
CA ALA B 64 14.03 8.23 -17.91
C ALA B 64 15.48 7.87 -17.62
N GLY B 65 16.06 7.16 -18.59
CA GLY B 65 17.44 6.69 -18.54
C GLY B 65 17.49 5.35 -17.86
N GLY B 66 16.28 4.87 -17.56
CA GLY B 66 16.11 3.62 -16.84
C GLY B 66 16.15 2.41 -17.71
N LEU B 67 16.91 1.41 -17.25
CA LEU B 67 16.99 0.12 -17.92
C LEU B 67 15.74 -0.66 -17.58
N ALA B 68 14.97 -1.01 -18.59
CA ALA B 68 13.66 -1.61 -18.44
C ALA B 68 13.76 -3.07 -18.00
N LEU B 69 15.00 -3.54 -17.91
CA LEU B 69 15.26 -4.90 -17.45
C LEU B 69 15.53 -4.90 -15.93
N VAL B 70 15.41 -3.72 -15.35
CA VAL B 70 15.47 -3.55 -13.90
C VAL B 70 14.09 -3.75 -13.30
N THR B 71 14.02 -4.65 -12.31
CA THR B 71 12.80 -4.82 -11.50
C THR B 71 13.15 -4.49 -10.05
N ALA B 72 12.47 -3.47 -9.52
CA ALA B 72 12.55 -3.16 -8.09
C ALA B 72 11.60 -4.05 -7.33
N ILE B 73 12.17 -4.69 -6.33
CA ILE B 73 11.41 -5.45 -5.33
C ILE B 73 11.13 -4.49 -4.17
N LEU B 74 9.88 -4.07 -4.12
CA LEU B 74 9.43 -2.94 -3.26
C LEU B 74 8.26 -3.37 -2.36
N PRO B 75 8.52 -4.23 -1.34
CA PRO B 75 7.48 -4.56 -0.38
C PRO B 75 7.18 -3.36 0.53
N PRO B 76 5.95 -2.84 0.45
CA PRO B 76 5.59 -1.62 1.16
C PRO B 76 5.67 -1.79 2.70
N GLU B 77 5.63 -3.03 3.14
CA GLU B 77 5.72 -3.34 4.57
C GLU B 77 7.08 -3.02 5.09
N LEU B 78 8.04 -2.91 4.17
CA LEU B 78 9.42 -2.58 4.56
C LEU B 78 9.81 -1.16 4.23
N MSE B 79 8.83 -0.37 3.82
CA MSE B 79 9.06 1.03 3.45
C MSE B 79 8.76 1.94 4.64
O MSE B 79 8.70 1.46 5.78
CB MSE B 79 8.30 1.42 2.17
CG MSE B 79 8.80 0.56 1.00
SE MSE B 79 7.85 0.58 -0.69
CE MSE B 79 7.96 2.38 -0.91
N LEU B 80 8.56 3.21 4.38
CA LEU B 80 8.41 4.21 5.45
C LEU B 80 6.99 4.70 5.72
N HIS B 81 6.10 4.44 4.77
CA HIS B 81 4.82 5.18 4.67
C HIS B 81 3.59 4.52 5.33
N GLU B 82 3.62 3.23 5.58
CA GLU B 82 2.46 2.55 6.18
C GLU B 82 2.23 2.96 7.63
N ARG B 83 3.27 2.82 8.42
CA ARG B 83 3.24 3.30 9.80
C ARG B 83 4.63 3.61 10.18
N PRO B 84 4.83 4.59 11.04
CA PRO B 84 6.22 4.73 11.49
C PRO B 84 6.74 3.46 12.19
N ASN B 85 8.03 3.20 11.97
CA ASN B 85 8.78 2.08 12.61
C ASN B 85 8.36 0.63 12.25
N LYS B 86 7.28 0.49 11.51
CA LYS B 86 6.88 -0.87 11.10
C LYS B 86 8.05 -1.60 10.46
N SER B 87 8.80 -0.87 9.62
CA SER B 87 9.84 -1.49 8.81
C SER B 87 11.00 -1.94 9.69
N THR B 88 11.09 -1.34 10.87
CA THR B 88 12.14 -1.67 11.84
C THR B 88 11.87 -3.00 12.48
N TYR B 89 10.60 -3.30 12.67
CA TYR B 89 10.17 -4.59 13.24
C TYR B 89 10.33 -5.72 12.22
N LEU B 90 9.90 -5.42 11.00
CA LEU B 90 9.80 -6.42 9.92
C LEU B 90 11.17 -6.84 9.40
N GLU B 91 12.14 -5.93 9.56
N GLU B 91 12.15 -5.95 9.48
CA GLU B 91 13.48 -6.12 9.01
CA GLU B 91 13.44 -6.25 8.89
C GLU B 91 14.13 -7.28 9.74
C GLU B 91 14.13 -7.32 9.73
N ARG B 92 13.55 -7.63 10.88
CA ARG B 92 14.10 -8.65 11.77
C ARG B 92 13.50 -10.03 11.55
N ILE B 93 12.54 -10.10 10.65
CA ILE B 93 11.73 -11.31 10.53
C ILE B 93 12.26 -12.25 9.45
N GLU B 94 12.45 -13.50 9.84
CA GLU B 94 12.93 -14.56 8.93
C GLU B 94 11.82 -15.00 8.01
N GLY B 95 12.14 -15.22 6.75
CA GLY B 95 11.17 -15.84 5.83
C GLY B 95 10.58 -14.85 4.87
N LEU B 96 10.78 -13.56 5.16
CA LEU B 96 10.20 -12.55 4.27
C LEU B 96 10.95 -12.53 2.93
N SER B 97 12.26 -12.40 3.00
CA SER B 97 13.12 -12.25 1.79
C SER B 97 12.92 -13.45 0.84
N LYS B 98 12.86 -14.61 1.46
CA LYS B 98 12.66 -15.85 0.70
C LYS B 98 11.31 -15.85 -0.03
N SER B 99 10.27 -15.40 0.64
CA SER B 99 8.92 -15.21 0.00
C SER B 99 8.93 -14.25 -1.16
N TYR B 100 9.70 -13.21 -1.00
CA TYR B 100 9.78 -12.14 -1.99
C TYR B 100 10.44 -12.64 -3.26
N LEU B 101 11.50 -13.44 -3.08
CA LEU B 101 12.27 -13.99 -4.22
C LEU B 101 11.40 -14.96 -5.00
N LYS B 102 10.57 -15.65 -4.23
CA LYS B 102 9.63 -16.61 -4.78
C LYS B 102 8.59 -15.88 -5.58
N LEU B 103 8.02 -14.88 -4.95
CA LEU B 103 6.96 -14.07 -5.61
C LEU B 103 7.39 -13.46 -6.96
N HIS B 104 8.68 -13.09 -7.03
CA HIS B 104 9.25 -12.43 -8.21
C HIS B 104 9.91 -13.40 -9.18
N GLN B 105 9.95 -14.65 -8.77
CA GLN B 105 10.49 -15.73 -9.58
C GLN B 105 11.87 -15.46 -10.15
N VAL B 106 12.69 -14.97 -9.27
CA VAL B 106 14.10 -14.83 -9.51
C VAL B 106 14.70 -16.23 -9.78
N THR B 107 15.58 -16.27 -10.79
CA THR B 107 16.21 -17.49 -11.21
C THR B 107 17.70 -17.30 -11.23
N ASN B 108 18.39 -18.35 -11.64
CA ASN B 108 19.87 -18.36 -11.65
C ASN B 108 20.42 -17.56 -12.83
N LYS B 109 19.51 -17.04 -13.65
CA LYS B 109 19.94 -16.28 -14.83
C LYS B 109 20.04 -14.81 -14.46
N ASP B 110 19.60 -14.51 -13.27
CA ASP B 110 19.39 -13.15 -12.81
C ASP B 110 20.50 -12.62 -11.89
N VAL B 111 20.48 -11.30 -11.76
CA VAL B 111 21.30 -10.61 -10.76
C VAL B 111 20.42 -9.83 -9.81
N ILE B 112 20.87 -9.74 -8.55
CA ILE B 112 20.16 -8.95 -7.54
C ILE B 112 21.11 -8.02 -6.79
N MSE B 113 20.67 -6.79 -6.65
CA MSE B 113 21.37 -5.81 -5.76
C MSE B 113 20.51 -5.56 -4.56
O MSE B 113 19.26 -5.32 -4.67
CB MSE B 113 21.73 -4.48 -6.44
CG MSE B 113 22.45 -3.48 -5.53
SE MSE B 113 23.30 -2.08 -6.55
CE MSE B 113 21.78 -1.00 -6.97
N ILE B 114 21.20 -5.71 -3.45
CA ILE B 114 20.66 -5.57 -2.12
C ILE B 114 21.39 -4.41 -1.45
N ILE B 115 20.61 -3.38 -1.12
CA ILE B 115 21.13 -2.21 -0.42
C ILE B 115 20.77 -2.25 1.06
N SER B 116 21.82 -2.12 1.86
CA SER B 116 21.67 -1.93 3.31
C SER B 116 22.94 -1.31 3.88
N ASN B 117 22.75 -0.17 4.53
N ASN B 117 22.78 -0.17 4.55
CA ASN B 117 23.85 0.59 5.15
CA ASN B 117 23.93 0.52 5.17
C ASN B 117 24.64 -0.24 6.14
C ASN B 117 24.69 -0.32 6.14
N SER B 118 23.93 -0.86 7.08
CA SER B 118 24.55 -1.66 8.16
C SER B 118 24.84 -3.09 7.73
N GLY B 119 23.95 -3.55 6.88
CA GLY B 119 23.90 -4.92 6.37
C GLY B 119 23.81 -5.98 7.43
N ARG B 120 23.17 -5.67 8.56
CA ARG B 120 23.27 -6.50 9.77
C ARG B 120 21.99 -7.30 10.05
N ASN B 121 20.88 -6.87 9.49
CA ASN B 121 19.56 -7.49 9.79
C ASN B 121 19.17 -8.64 8.94
N THR B 122 18.15 -9.36 9.44
CA THR B 122 17.77 -10.65 8.89
C THR B 122 17.32 -10.58 7.45
N VAL B 123 16.51 -9.58 7.17
CA VAL B 123 15.91 -9.41 5.87
C VAL B 123 16.93 -9.28 4.73
N PRO B 124 17.84 -8.30 4.82
CA PRO B 124 18.85 -8.19 3.77
C PRO B 124 19.84 -9.36 3.68
N VAL B 125 20.23 -9.90 4.84
CA VAL B 125 21.21 -11.02 4.87
C VAL B 125 20.57 -12.26 4.30
N GLU B 126 19.32 -12.52 4.71
CA GLU B 126 18.55 -13.63 4.15
C GLU B 126 18.35 -13.51 2.65
N MSE B 127 18.14 -12.29 2.17
N MSE B 127 18.18 -12.28 2.19
CA MSE B 127 17.95 -12.14 0.74
CA MSE B 127 17.97 -12.04 0.76
C MSE B 127 19.21 -12.53 -0.03
C MSE B 127 19.21 -12.49 -0.03
O MSE B 127 19.12 -13.17 -1.10
O MSE B 127 19.09 -13.12 -1.09
CB MSE B 127 17.51 -10.74 0.36
CB MSE B 127 17.65 -10.55 0.48
CG MSE B 127 17.10 -10.69 -1.07
CG MSE B 127 17.37 -10.25 -0.99
SE MSE B 127 16.19 -9.09 -1.48
SE MSE B 127 15.66 -10.91 -1.65
CE MSE B 127 14.49 -9.54 -0.74
CE MSE B 127 14.57 -9.44 -1.04
N ALA B 128 20.39 -12.21 0.53
CA ALA B 128 21.67 -12.63 -0.11
C ALA B 128 21.81 -14.17 -0.10
N ILE B 129 21.46 -14.76 1.04
CA ILE B 129 21.56 -16.24 1.25
C ILE B 129 20.66 -17.02 0.31
N GLU B 130 19.45 -16.54 0.21
CA GLU B 130 18.44 -17.23 -0.60
C GLU B 130 18.71 -17.00 -2.09
N SER B 131 19.25 -15.84 -2.40
CA SER B 131 19.67 -15.53 -3.76
C SER B 131 20.79 -16.49 -4.18
N ARG B 132 21.73 -16.71 -3.28
CA ARG B 132 22.86 -17.61 -3.57
C ARG B 132 22.36 -19.05 -3.76
N ASN B 133 21.29 -19.35 -3.02
N ASN B 133 21.33 -19.39 -3.01
CA ASN B 133 20.69 -20.68 -3.05
CA ASN B 133 20.78 -20.73 -3.08
C ASN B 133 20.07 -20.93 -4.40
C ASN B 133 20.08 -20.94 -4.41
N ILE B 134 19.51 -19.85 -4.93
CA ILE B 134 18.88 -19.85 -6.26
C ILE B 134 19.95 -19.92 -7.34
N GLY B 135 21.07 -19.25 -7.05
CA GLY B 135 22.17 -19.16 -7.99
C GLY B 135 22.33 -17.85 -8.75
N ALA B 136 21.62 -16.85 -8.28
CA ALA B 136 21.69 -15.51 -8.83
C ALA B 136 22.93 -14.85 -8.25
N LYS B 137 23.49 -13.96 -9.02
CA LYS B 137 24.63 -13.18 -8.56
C LYS B 137 24.12 -12.09 -7.66
N VAL B 138 24.93 -11.76 -6.66
CA VAL B 138 24.59 -10.76 -5.67
C VAL B 138 25.54 -9.57 -5.67
N ILE B 139 24.96 -8.39 -5.87
CA ILE B 139 25.62 -7.12 -5.61
C ILE B 139 25.11 -6.55 -4.25
N ALA B 140 26.03 -6.13 -3.42
CA ALA B 140 25.65 -5.45 -2.18
C ALA B 140 26.11 -4.01 -2.21
N MSE B 141 25.20 -3.10 -1.90
CA MSE B 141 25.53 -1.69 -1.60
C MSE B 141 25.34 -1.44 -0.10
O MSE B 141 24.29 -1.70 0.49
CB MSE B 141 24.65 -0.72 -2.39
CG MSE B 141 25.12 0.68 -2.20
SE MSE B 141 24.11 2.04 -3.14
CE MSE B 141 24.23 1.43 -5.04
N THR B 142 26.37 -0.87 0.47
CA THR B 142 26.50 -0.86 1.92
C THR B 142 27.48 0.14 2.36
N SER B 143 27.48 0.40 3.65
CA SER B 143 28.51 1.19 4.25
C SER B 143 29.56 0.32 4.94
N MSE B 144 30.72 0.19 4.29
CA MSE B 144 31.69 -0.84 4.70
C MSE B 144 32.24 -0.47 6.09
O MSE B 144 32.47 -1.32 6.90
CB MSE B 144 32.86 -1.00 3.71
CG MSE B 144 32.57 -1.99 2.63
SE MSE B 144 31.92 -3.77 3.26
CE MSE B 144 33.36 -4.33 4.26
N LYS B 145 32.38 0.81 6.32
CA LYS B 145 32.65 1.35 7.66
C LYS B 145 31.62 0.93 8.72
N HIS B 146 30.37 1.30 8.52
CA HIS B 146 29.31 0.98 9.46
C HIS B 146 29.24 -0.53 9.71
N SER B 147 29.29 -1.27 8.60
CA SER B 147 28.98 -2.72 8.53
C SER B 147 30.09 -3.56 9.12
N GLN B 148 31.31 -3.16 8.85
CA GLN B 148 32.48 -3.78 9.48
C GLN B 148 32.46 -3.60 11.02
N LYS B 149 31.81 -2.54 11.48
CA LYS B 149 31.86 -2.15 12.89
C LYS B 149 30.76 -2.84 13.69
N VAL B 150 29.71 -3.27 13.02
CA VAL B 150 28.54 -3.86 13.70
C VAL B 150 28.57 -5.37 13.72
N THR B 151 27.80 -5.90 14.64
CA THR B 151 27.65 -7.34 14.77
C THR B 151 26.36 -7.75 14.07
N SER B 152 26.44 -8.83 13.31
CA SER B 152 25.30 -9.35 12.60
C SER B 152 24.13 -9.63 13.53
N ARG B 153 22.93 -9.38 13.04
CA ARG B 153 21.75 -9.79 13.79
C ARG B 153 21.02 -10.88 13.06
N HIS B 154 21.69 -11.42 12.05
CA HIS B 154 21.23 -12.60 11.35
C HIS B 154 21.85 -13.84 11.98
N LYS B 155 21.08 -14.91 12.00
CA LYS B 155 21.48 -16.18 12.66
C LYS B 155 22.77 -16.80 12.14
N SER B 156 23.14 -16.45 10.92
CA SER B 156 24.41 -16.89 10.29
C SER B 156 25.61 -16.32 11.02
N GLY B 157 25.35 -15.23 11.72
CA GLY B 157 26.44 -14.41 12.28
C GLY B 157 27.21 -13.57 11.27
N LYS B 158 26.75 -13.58 10.04
CA LYS B 158 27.42 -12.86 8.97
C LYS B 158 26.63 -11.64 8.52
N LYS B 159 27.34 -10.73 7.88
CA LYS B 159 26.74 -9.53 7.27
C LYS B 159 26.56 -9.59 5.75
N LEU B 160 25.76 -8.65 5.26
CA LEU B 160 25.34 -8.66 3.85
C LEU B 160 26.58 -8.69 2.92
N TYR B 161 27.55 -7.87 3.24
CA TYR B 161 28.73 -7.74 2.39
C TYR B 161 29.47 -9.06 2.26
N GLU B 162 29.32 -9.92 3.25
CA GLU B 162 30.02 -11.19 3.31
C GLU B 162 29.43 -12.24 2.39
N TYR B 163 28.29 -11.91 1.77
CA TYR B 163 27.57 -12.84 0.85
C TYR B 163 27.47 -12.32 -0.59
N ALA B 164 28.15 -11.23 -0.89
CA ALA B 164 28.10 -10.53 -2.19
C ALA B 164 29.21 -10.92 -3.18
N ASP B 165 28.85 -11.07 -4.44
CA ASP B 165 29.86 -11.19 -5.48
C ASP B 165 30.65 -9.89 -5.64
N VAL B 166 29.93 -8.78 -5.54
CA VAL B 166 30.50 -7.44 -5.67
C VAL B 166 29.89 -6.55 -4.59
N VAL B 167 30.76 -5.80 -3.94
CA VAL B 167 30.34 -4.82 -2.94
C VAL B 167 30.59 -3.43 -3.43
N LEU B 168 29.56 -2.64 -3.31
CA LEU B 168 29.66 -1.21 -3.54
C LEU B 168 29.57 -0.46 -2.21
N ASP B 169 30.60 0.28 -1.90
CA ASP B 169 30.73 0.98 -0.61
C ASP B 169 30.31 2.43 -0.75
N ASN B 170 29.22 2.77 -0.06
CA ASN B 170 28.59 4.12 -0.17
C ASN B 170 29.41 5.17 0.63
N GLY B 171 30.35 4.70 1.42
CA GLY B 171 31.28 5.59 2.10
C GLY B 171 30.70 6.30 3.30
N ALA B 172 29.44 6.04 3.60
CA ALA B 172 28.78 6.70 4.75
C ALA B 172 29.48 6.38 6.10
N PRO B 173 29.66 7.39 6.96
CA PRO B 173 30.29 7.03 8.23
C PRO B 173 29.37 6.17 9.06
N VAL B 174 29.97 5.48 10.04
CA VAL B 174 29.18 4.75 11.05
C VAL B 174 28.13 5.73 11.53
N GLY B 175 26.88 5.30 11.51
CA GLY B 175 25.77 6.14 11.96
C GLY B 175 24.95 6.78 10.84
N ASP B 176 25.58 7.00 9.69
CA ASP B 176 24.90 7.65 8.53
C ASP B 176 24.36 9.02 8.91
N ALA B 177 24.91 9.62 9.93
CA ALA B 177 24.59 11.00 10.20
C ALA B 177 25.81 11.59 10.87
N GLY B 178 26.74 12.09 10.07
CA GLY B 178 28.09 12.34 10.56
C GLY B 178 28.54 13.78 10.59
N PHE B 179 27.63 14.66 10.14
CA PHE B 179 27.87 16.08 10.22
C PHE B 179 27.41 16.64 11.55
N GLN B 180 28.34 17.22 12.29
CA GLN B 180 28.06 17.68 13.62
C GLN B 180 27.68 19.13 13.50
N ILE B 181 26.56 19.50 14.10
CA ILE B 181 26.09 20.87 14.04
C ILE B 181 26.97 21.65 14.99
N ALA B 182 27.49 22.75 14.51
CA ALA B 182 28.38 23.61 15.29
C ALA B 182 27.80 23.93 16.66
N ASN B 183 28.68 23.77 17.66
CA ASN B 183 28.40 24.17 19.04
C ASN B 183 27.28 23.34 19.65
N SER B 184 27.30 22.07 19.30
CA SER B 184 26.32 21.11 19.80
C SER B 184 26.81 19.70 19.66
N GLU B 185 26.01 18.79 20.21
CA GLU B 185 26.19 17.35 20.05
C GLU B 185 25.13 16.78 19.13
N ILE B 186 24.62 17.63 18.25
CA ILE B 186 23.67 17.18 17.25
C ILE B 186 24.36 16.79 15.94
N TYR B 187 23.98 15.63 15.44
CA TYR B 187 24.52 15.09 14.20
C TYR B 187 23.44 14.86 13.16
N SER B 188 23.77 15.25 11.93
CA SER B 188 22.82 15.15 10.81
C SER B 188 23.52 14.98 9.49
N GLY B 189 22.78 15.22 8.41
CA GLY B 189 23.33 15.23 7.07
C GLY B 189 23.77 13.89 6.53
N ALA B 190 22.90 12.89 6.68
CA ALA B 190 23.09 11.55 6.15
C ALA B 190 23.41 11.55 4.66
N THR B 191 24.41 10.75 4.31
CA THR B 191 24.94 10.69 2.92
C THR B 191 24.61 9.40 2.16
N SER B 192 24.00 8.44 2.84
CA SER B 192 23.89 7.09 2.27
C SER B 192 22.98 7.06 1.03
N ASP B 193 21.94 7.87 1.01
CA ASP B 193 21.01 7.86 -0.14
C ASP B 193 21.43 8.77 -1.26
N SER B 194 21.95 9.94 -0.92
CA SER B 194 22.52 10.81 -1.98
C SER B 194 23.61 10.06 -2.75
N ILE B 195 24.61 9.61 -2.01
N ILE B 195 24.60 9.62 -2.00
CA ILE B 195 25.74 8.90 -2.63
CA ILE B 195 25.72 8.89 -2.59
C ILE B 195 25.30 7.55 -3.19
C ILE B 195 25.25 7.58 -3.21
N GLY B 196 24.38 6.89 -2.51
CA GLY B 196 23.85 5.60 -2.99
C GLY B 196 23.17 5.76 -4.34
N CYS B 197 22.45 6.86 -4.50
CA CYS B 197 21.74 7.13 -5.79
C CYS B 197 22.73 7.44 -6.90
N PHE B 198 23.78 8.14 -6.55
CA PHE B 198 24.87 8.39 -7.51
C PHE B 198 25.48 7.08 -7.99
N LEU B 199 25.73 6.17 -7.04
CA LEU B 199 26.40 4.89 -7.36
C LEU B 199 25.51 4.00 -8.20
N ALA B 200 24.22 3.98 -7.87
CA ALA B 200 23.25 3.13 -8.59
C ALA B 200 23.16 3.55 -10.06
N GLN B 201 23.16 4.87 -10.27
CA GLN B 201 23.14 5.40 -11.64
C GLN B 201 24.45 5.08 -12.33
N ALA B 202 25.57 5.18 -11.61
CA ALA B 202 26.88 4.91 -12.21
C ALA B 202 26.98 3.46 -12.67
N LEU B 203 26.35 2.58 -11.92
CA LEU B 203 26.32 1.14 -12.20
C LEU B 203 25.53 0.91 -13.48
N ILE B 204 24.34 1.48 -13.52
CA ILE B 204 23.50 1.35 -14.70
C ILE B 204 24.18 1.96 -15.93
N VAL B 205 24.78 3.15 -15.75
CA VAL B 205 25.45 3.84 -16.85
C VAL B 205 26.58 2.97 -17.40
N GLU B 206 27.29 2.30 -16.49
CA GLU B 206 28.41 1.42 -16.85
C GLU B 206 27.92 0.15 -17.53
N THR B 207 26.78 -0.33 -17.09
CA THR B 207 26.18 -1.56 -17.65
C THR B 207 25.78 -1.32 -19.09
N LEU B 208 25.12 -0.20 -19.29
CA LEU B 208 24.70 0.21 -20.63
C LEU B 208 25.86 0.39 -21.60
N HIS B 209 26.96 0.88 -21.08
CA HIS B 209 28.17 1.08 -21.87
C HIS B 209 28.68 -0.27 -22.32
N LEU B 210 28.70 -1.20 -21.38
CA LEU B 210 29.23 -2.53 -21.66
C LEU B 210 28.36 -3.21 -22.69
N LEU B 211 27.06 -3.04 -22.55
CA LEU B 211 26.12 -3.64 -23.51
C LEU B 211 26.29 -3.06 -24.91
N VAL B 212 26.43 -1.74 -24.98
CA VAL B 212 26.52 -1.05 -26.25
C VAL B 212 27.78 -1.46 -26.98
N GLN B 213 28.86 -1.61 -26.22
CA GLN B 213 30.18 -2.01 -26.75
C GLN B 213 30.10 -3.35 -27.42
N GLN B 214 29.11 -4.12 -27.01
CA GLN B 214 29.00 -5.55 -27.36
C GLN B 214 27.95 -5.73 -28.41
N GLY B 215 27.37 -4.62 -28.80
CA GLY B 215 26.44 -4.55 -29.92
C GLY B 215 25.01 -4.88 -29.53
N PHE B 216 24.79 -4.94 -28.22
CA PHE B 216 23.45 -5.09 -27.63
C PHE B 216 22.76 -3.70 -27.59
N GLU B 217 21.50 -3.69 -28.01
CA GLU B 217 20.70 -2.48 -27.99
C GLU B 217 19.76 -2.60 -26.82
N PRO B 218 20.11 -1.96 -25.70
CA PRO B 218 19.32 -2.20 -24.51
C PRO B 218 18.09 -1.31 -24.45
N PRO B 219 16.95 -1.84 -23.95
CA PRO B 219 15.75 -1.05 -23.67
C PRO B 219 15.93 -0.08 -22.49
N VAL B 220 15.91 1.19 -22.86
CA VAL B 220 16.14 2.30 -21.93
C VAL B 220 15.12 3.37 -22.14
N PHE B 221 14.35 3.67 -21.11
CA PHE B 221 13.34 4.70 -21.15
C PHE B 221 13.89 6.04 -21.55
N LYS B 222 13.22 6.58 -22.55
CA LYS B 222 13.50 7.91 -23.08
C LYS B 222 12.73 8.96 -22.29
N SER B 223 13.42 10.07 -22.11
CA SER B 223 12.87 11.23 -21.40
C SER B 223 11.93 11.98 -22.34
N SER B 224 10.82 12.44 -21.77
CA SER B 224 9.68 13.01 -22.51
C SER B 224 10.09 13.96 -23.63
N ASN B 225 11.17 14.68 -23.39
CA ASN B 225 11.64 15.74 -24.30
C ASN B 225 12.37 15.20 -25.53
N VAL B 226 12.59 13.90 -25.58
CA VAL B 226 13.15 13.32 -26.81
C VAL B 226 11.96 13.02 -27.67
N ASP B 227 12.20 13.08 -28.97
CA ASP B 227 11.15 12.87 -29.95
C ASP B 227 10.76 11.41 -30.02
N GLY B 228 9.48 11.16 -29.74
CA GLY B 228 8.88 9.83 -29.89
C GLY B 228 9.09 9.01 -28.65
N ALA B 229 9.47 9.72 -27.60
CA ALA B 229 9.75 9.11 -26.30
C ALA B 229 8.65 8.14 -25.89
N ASP B 230 7.42 8.61 -26.04
CA ASP B 230 6.23 7.97 -25.41
C ASP B 230 5.88 6.68 -26.10
N LEU B 231 5.97 6.72 -27.42
CA LEU B 231 5.56 5.58 -28.22
C LEU B 231 6.59 4.49 -27.99
N TYR B 232 7.84 4.92 -27.92
CA TYR B 232 8.99 4.02 -27.65
C TYR B 232 8.91 3.47 -26.23
N ASN B 233 8.56 4.34 -25.30
CA ASN B 233 8.50 3.92 -23.89
C ASN B 233 7.37 2.92 -23.70
N ASP B 234 6.31 3.08 -24.47
CA ASP B 234 5.14 2.20 -24.34
C ASP B 234 5.48 0.85 -24.93
N LYS B 235 6.29 0.91 -25.98
CA LYS B 235 6.72 -0.30 -26.67
C LYS B 235 7.58 -1.14 -25.72
N ILE B 236 8.52 -0.47 -25.08
CA ILE B 236 9.53 -1.21 -24.31
C ILE B 236 9.00 -1.58 -22.93
N PHE B 237 8.06 -0.78 -22.44
CA PHE B 237 7.37 -1.11 -21.22
C PHE B 237 6.75 -2.47 -21.44
N ASN B 238 5.92 -2.53 -22.46
CA ASN B 238 5.15 -3.73 -22.81
C ASN B 238 6.00 -4.98 -23.03
N GLU B 239 7.17 -4.80 -23.62
CA GLU B 239 7.98 -5.95 -24.01
C GLU B 239 8.84 -6.41 -22.84
N TYR B 240 9.07 -5.51 -21.90
CA TYR B 240 10.22 -5.67 -21.00
C TYR B 240 9.97 -5.57 -19.51
N VAL B 241 9.09 -4.66 -19.12
CA VAL B 241 8.89 -4.39 -17.69
C VAL B 241 8.18 -5.57 -17.01
N LYS B 242 8.85 -6.07 -15.96
CA LYS B 242 8.27 -7.05 -15.04
C LYS B 242 8.32 -6.41 -13.66
N TRP B 243 7.16 -6.38 -13.01
CA TRP B 243 7.05 -5.81 -11.67
C TRP B 243 6.41 -6.81 -10.73
N MSE C 2 -31.37 -9.27 31.59
CA MSE C 2 -30.71 -8.58 30.42
C MSE C 2 -30.99 -9.31 29.13
O MSE C 2 -30.68 -10.48 28.95
CB MSE C 2 -29.20 -8.41 30.65
CG MSE C 2 -28.49 -7.55 29.61
SE MSE C 2 -27.23 -6.16 30.28
CE MSE C 2 -25.88 -7.24 31.23
N THR C 3 -31.60 -8.58 28.20
CA THR C 3 -32.12 -9.16 26.96
C THR C 3 -31.09 -9.24 25.84
N SER C 4 -31.51 -9.89 24.77
CA SER C 4 -30.65 -10.14 23.59
C SER C 4 -31.32 -9.63 22.33
N SER C 5 -30.48 -9.20 21.39
CA SER C 5 -30.96 -8.61 20.13
C SER C 5 -30.83 -9.62 19.03
N PHE C 6 -30.18 -10.74 19.36
CA PHE C 6 -29.69 -11.62 18.32
C PHE C 6 -30.80 -12.14 17.45
N THR C 7 -31.88 -12.59 18.07
CA THR C 7 -33.01 -13.17 17.33
C THR C 7 -33.73 -12.12 16.47
N ASP C 8 -33.88 -10.95 17.06
CA ASP C 8 -34.37 -9.78 16.31
C ASP C 8 -33.44 -9.46 15.12
N TYR C 9 -32.13 -9.47 15.33
CA TYR C 9 -31.26 -9.11 14.20
C TYR C 9 -31.33 -10.15 13.07
N CYS C 10 -31.45 -11.41 13.45
CA CYS C 10 -31.55 -12.49 12.48
C CYS C 10 -32.76 -12.29 11.61
N LYS C 11 -33.82 -11.82 12.22
CA LYS C 11 -35.13 -11.74 11.56
C LYS C 11 -35.08 -10.57 10.62
N PHE C 12 -34.53 -9.48 11.14
CA PHE C 12 -34.27 -8.30 10.32
C PHE C 12 -33.47 -8.69 9.07
N PHE C 13 -32.39 -9.43 9.27
CA PHE C 13 -31.48 -9.79 8.17
C PHE C 13 -32.14 -10.78 7.20
N ASN C 14 -32.87 -11.71 7.76
CA ASN C 14 -33.53 -12.75 6.94
C ASN C 14 -34.59 -12.18 6.01
N ARG C 15 -35.20 -11.08 6.43
CA ARG C 15 -36.25 -10.42 5.61
C ARG C 15 -35.57 -9.89 4.36
N ILE C 16 -34.42 -9.26 4.57
CA ILE C 16 -33.71 -8.60 3.48
C ILE C 16 -33.15 -9.63 2.52
N LEU C 17 -32.59 -10.70 3.08
CA LEU C 17 -31.99 -11.76 2.26
C LEU C 17 -33.06 -12.50 1.46
N SER C 18 -34.23 -12.67 2.06
CA SER C 18 -35.32 -13.35 1.40
C SER C 18 -35.77 -12.57 0.17
N GLU C 19 -36.02 -11.30 0.41
CA GLU C 19 -36.49 -10.40 -0.63
C GLU C 19 -35.50 -10.41 -1.80
N VAL C 20 -34.21 -10.43 -1.46
CA VAL C 20 -33.18 -10.42 -2.48
C VAL C 20 -33.21 -11.72 -3.30
N GLN C 21 -33.28 -12.83 -2.60
CA GLN C 21 -33.26 -14.13 -3.26
C GLN C 21 -34.44 -14.22 -4.16
N GLU C 22 -35.54 -13.64 -3.70
CA GLU C 22 -36.82 -13.89 -4.31
C GLU C 22 -36.98 -13.02 -5.56
N THR C 23 -36.16 -11.99 -5.64
CA THR C 23 -36.32 -11.00 -6.69
C THR C 23 -35.13 -10.89 -7.65
N GLN C 24 -33.95 -11.29 -7.21
CA GLN C 24 -32.70 -11.02 -7.96
C GLN C 24 -32.29 -12.12 -8.93
N GLU C 25 -33.11 -13.16 -9.00
CA GLU C 25 -32.70 -14.34 -9.74
C GLU C 25 -32.44 -14.00 -11.19
N GLN C 26 -33.38 -13.26 -11.77
CA GLN C 26 -33.37 -13.01 -13.22
C GLN C 26 -32.14 -12.15 -13.57
N ALA C 27 -31.75 -11.32 -12.62
CA ALA C 27 -30.64 -10.39 -12.81
C ALA C 27 -29.33 -11.14 -12.70
N ILE C 28 -29.34 -12.21 -11.91
CA ILE C 28 -28.15 -13.03 -11.65
C ILE C 28 -27.86 -13.84 -12.92
N ILE C 29 -28.95 -14.19 -13.58
CA ILE C 29 -28.93 -15.04 -14.77
C ILE C 29 -28.46 -14.21 -15.94
N LYS C 30 -29.03 -13.03 -16.05
CA LYS C 30 -28.61 -12.11 -17.10
C LYS C 30 -27.15 -11.68 -16.89
N GLY C 31 -26.75 -11.57 -15.63
CA GLY C 31 -25.39 -11.15 -15.35
C GLY C 31 -24.42 -12.27 -15.69
N ALA C 32 -24.90 -13.49 -15.47
CA ALA C 32 -24.03 -14.69 -15.57
C ALA C 32 -23.78 -14.96 -17.04
N HIS C 33 -24.76 -14.54 -17.82
CA HIS C 33 -24.67 -14.65 -19.29
C HIS C 33 -23.66 -13.66 -19.88
N LEU C 34 -23.61 -12.44 -19.33
CA LEU C 34 -22.65 -11.47 -19.80
C LEU C 34 -21.25 -11.98 -19.48
N VAL C 35 -21.08 -12.51 -18.27
CA VAL C 35 -19.75 -12.89 -17.78
C VAL C 35 -19.26 -14.13 -18.57
N SER C 36 -20.19 -15.05 -18.77
CA SER C 36 -19.86 -16.33 -19.36
C SER C 36 -19.55 -16.11 -20.85
N GLU C 37 -20.27 -15.20 -21.47
CA GLU C 37 -20.05 -14.87 -22.89
C GLU C 37 -18.69 -14.22 -23.10
N ALA C 38 -18.32 -13.31 -22.20
CA ALA C 38 -17.11 -12.52 -22.37
C ALA C 38 -15.90 -13.43 -22.29
N VAL C 39 -15.94 -14.33 -21.32
CA VAL C 39 -14.77 -15.18 -20.98
C VAL C 39 -14.65 -16.27 -22.04
N MSE C 40 -15.78 -16.70 -22.56
CA MSE C 40 -15.79 -17.64 -23.70
C MSE C 40 -15.13 -17.02 -24.90
O MSE C 40 -14.61 -17.68 -25.79
CB MSE C 40 -17.21 -18.09 -24.06
CG MSE C 40 -17.78 -19.09 -23.07
SE MSE C 40 -19.59 -19.74 -23.46
CE MSE C 40 -20.59 -18.10 -23.29
N ASN C 41 -15.10 -15.70 -24.89
CA ASN C 41 -14.65 -14.94 -26.03
C ASN C 41 -13.32 -14.26 -25.82
N GLY C 42 -12.55 -14.81 -24.89
CA GLY C 42 -11.20 -14.32 -24.61
C GLY C 42 -11.18 -13.09 -23.74
N GLY C 43 -12.32 -12.81 -23.13
CA GLY C 43 -12.46 -11.67 -22.21
C GLY C 43 -12.19 -12.00 -20.75
N ARG C 44 -12.04 -10.95 -19.97
CA ARG C 44 -11.94 -11.03 -18.49
C ARG C 44 -13.12 -10.34 -17.78
N PHE C 45 -13.32 -10.77 -16.54
CA PHE C 45 -14.29 -10.18 -15.61
C PHE C 45 -13.62 -9.30 -14.60
N TYR C 46 -13.73 -8.00 -14.81
CA TYR C 46 -13.21 -7.02 -13.86
C TYR C 46 -14.25 -6.64 -12.84
N VAL C 47 -13.78 -6.42 -11.62
CA VAL C 47 -14.67 -6.12 -10.52
C VAL C 47 -14.06 -4.99 -9.71
N PHE C 48 -14.92 -4.02 -9.33
CA PHE C 48 -14.52 -2.79 -8.62
C PHE C 48 -15.55 -2.21 -7.67
N GLY C 49 -15.07 -1.82 -6.50
CA GLY C 49 -15.85 -0.99 -5.58
C GLY C 49 -14.97 0.01 -4.82
N SER C 50 -15.51 1.19 -4.53
CA SER C 50 -14.85 2.16 -3.63
C SER C 50 -15.36 1.99 -2.22
N GLY C 51 -14.52 2.35 -1.26
CA GLY C 51 -14.93 2.25 0.12
C GLY C 51 -15.13 0.78 0.47
N HIS C 52 -16.17 0.51 1.24
CA HIS C 52 -16.36 -0.83 1.81
C HIS C 52 -16.82 -1.75 0.68
N SER C 53 -17.26 -1.17 -0.41
CA SER C 53 -17.74 -1.94 -1.58
C SER C 53 -16.58 -2.69 -2.25
N HIS C 54 -15.35 -2.24 -1.99
CA HIS C 54 -14.21 -2.89 -2.58
C HIS C 54 -14.15 -4.35 -2.14
N MSE C 55 -14.81 -4.67 -1.05
CA MSE C 55 -14.61 -5.99 -0.47
C MSE C 55 -15.36 -7.00 -1.31
O MSE C 55 -15.05 -8.17 -1.27
CB MSE C 55 -14.97 -6.00 1.01
CG MSE C 55 -16.37 -6.20 1.35
SE MSE C 55 -16.51 -6.25 3.36
CE MSE C 55 -16.04 -4.57 3.70
N ILE C 56 -16.31 -6.52 -2.13
CA ILE C 56 -17.17 -7.43 -2.95
C ILE C 56 -16.32 -7.89 -4.15
N ALA C 57 -15.39 -7.01 -4.52
CA ALA C 57 -14.42 -7.26 -5.57
C ALA C 57 -13.41 -8.24 -5.05
N GLU C 58 -12.98 -8.03 -3.80
CA GLU C 58 -12.06 -8.99 -3.15
C GLU C 58 -12.64 -10.39 -3.07
N GLU C 59 -13.95 -10.45 -2.86
CA GLU C 59 -14.64 -11.68 -2.48
C GLU C 59 -14.56 -12.75 -3.57
N ILE C 60 -14.50 -12.32 -4.81
CA ILE C 60 -14.52 -13.26 -5.95
C ILE C 60 -13.19 -13.32 -6.67
N TYR C 61 -12.23 -12.66 -6.07
CA TYR C 61 -10.84 -12.57 -6.59
C TYR C 61 -9.86 -13.44 -5.83
N ASN C 62 -9.17 -14.28 -6.60
CA ASN C 62 -8.06 -15.11 -6.10
C ASN C 62 -8.46 -15.89 -4.87
N ARG C 63 -9.64 -16.47 -5.00
CA ARG C 63 -10.19 -17.20 -3.88
C ARG C 63 -10.60 -18.63 -4.16
N ALA C 64 -10.64 -19.38 -3.07
CA ALA C 64 -11.18 -20.75 -3.02
C ALA C 64 -12.52 -20.81 -3.71
N GLY C 65 -12.57 -21.55 -4.80
CA GLY C 65 -13.76 -21.64 -5.62
C GLY C 65 -13.98 -20.44 -6.52
N GLY C 66 -12.96 -19.62 -6.60
CA GLY C 66 -12.92 -18.50 -7.52
C GLY C 66 -12.55 -18.84 -8.95
N LEU C 67 -13.16 -18.08 -9.84
CA LEU C 67 -12.89 -18.13 -11.29
C LEU C 67 -11.67 -17.29 -11.61
N ALA C 68 -10.62 -17.92 -12.15
CA ALA C 68 -9.28 -17.25 -12.29
C ALA C 68 -9.27 -16.13 -13.33
N LEU C 69 -10.41 -15.99 -14.00
CA LEU C 69 -10.57 -14.91 -15.00
C LEU C 69 -11.15 -13.61 -14.43
N VAL C 70 -11.41 -13.61 -13.12
CA VAL C 70 -11.78 -12.42 -12.37
C VAL C 70 -10.50 -11.64 -12.01
N THR C 71 -10.50 -10.36 -12.38
CA THR C 71 -9.51 -9.38 -11.90
C THR C 71 -10.23 -8.32 -11.12
N ALA C 72 -9.91 -8.25 -9.85
CA ALA C 72 -10.35 -7.17 -9.00
C ALA C 72 -9.48 -5.95 -9.20
N ILE C 73 -10.11 -4.81 -9.46
CA ILE C 73 -9.39 -3.53 -9.51
C ILE C 73 -9.48 -2.95 -8.11
N LEU C 74 -8.34 -2.86 -7.44
CA LEU C 74 -8.31 -2.59 -6.02
C LEU C 74 -7.32 -1.43 -5.74
N PRO C 75 -7.70 -0.18 -6.08
CA PRO C 75 -6.82 0.97 -5.79
C PRO C 75 -6.71 1.25 -4.28
N PRO C 76 -5.50 1.10 -3.69
CA PRO C 76 -5.56 1.14 -2.25
C PRO C 76 -6.10 2.45 -1.72
N GLU C 77 -6.08 3.46 -2.57
CA GLU C 77 -6.34 4.84 -2.14
C GLU C 77 -7.83 5.02 -1.87
N LEU C 78 -8.59 4.04 -2.32
CA LEU C 78 -10.08 4.04 -2.19
C LEU C 78 -10.55 2.97 -1.23
N MSE C 79 -9.59 2.40 -0.52
CA MSE C 79 -9.88 1.38 0.48
C MSE C 79 -9.81 2.04 1.85
O MSE C 79 -9.84 3.30 1.93
CB MSE C 79 -8.95 0.17 0.35
CG MSE C 79 -9.13 -0.53 -1.00
SE MSE C 79 -7.74 -1.81 -1.55
CE MSE C 79 -7.75 -2.98 -0.03
N LEU C 80 -9.70 1.22 2.89
CA LEU C 80 -9.97 1.70 4.26
C LEU C 80 -8.77 1.83 5.14
N HIS C 81 -7.68 1.25 4.69
CA HIS C 81 -6.50 0.98 5.56
C HIS C 81 -5.40 2.07 5.60
N GLU C 82 -5.29 2.90 4.57
CA GLU C 82 -4.12 3.82 4.52
C GLU C 82 -4.32 4.87 5.58
N ARG C 83 -5.49 5.49 5.51
CA ARG C 83 -5.86 6.57 6.42
C ARG C 83 -7.35 6.58 6.49
N PRO C 84 -7.91 6.91 7.65
CA PRO C 84 -9.34 7.12 7.64
C PRO C 84 -9.77 8.37 6.86
N ASN C 85 -10.88 8.23 6.18
CA ASN C 85 -11.56 9.31 5.47
C ASN C 85 -11.03 9.57 4.06
N LYS C 86 -9.86 9.04 3.76
CA LYS C 86 -9.23 9.31 2.48
C LYS C 86 -10.07 8.77 1.33
N SER C 87 -10.67 7.61 1.52
CA SER C 87 -11.44 7.01 0.43
C SER C 87 -12.63 7.93 0.13
N THR C 88 -13.13 8.58 1.18
CA THR C 88 -14.37 9.40 1.11
C THR C 88 -14.12 10.63 0.27
N TYR C 89 -12.95 11.19 0.45
CA TYR C 89 -12.55 12.37 -0.30
C TYR C 89 -12.29 11.99 -1.75
N LEU C 90 -11.62 10.85 -1.94
CA LEU C 90 -11.12 10.48 -3.28
C LEU C 90 -12.24 10.00 -4.17
N GLU C 91 -13.29 9.48 -3.57
CA GLU C 91 -14.40 8.90 -4.35
C GLU C 91 -15.16 9.98 -5.13
N ARG C 92 -14.86 11.23 -4.76
N ARG C 92 -14.86 11.23 -4.79
CA ARG C 92 -15.50 12.41 -5.34
CA ARG C 92 -15.50 12.39 -5.38
C ARG C 92 -14.64 13.05 -6.42
C ARG C 92 -14.65 13.04 -6.45
N ILE C 93 -13.49 12.44 -6.70
CA ILE C 93 -12.54 13.03 -7.67
C ILE C 93 -12.70 12.48 -9.07
N GLU C 94 -12.78 13.42 -10.01
CA GLU C 94 -12.85 13.09 -11.45
C GLU C 94 -11.49 12.68 -12.01
N GLY C 95 -11.53 11.67 -12.86
CA GLY C 95 -10.35 11.23 -13.60
C GLY C 95 -9.69 9.98 -13.06
N LEU C 96 -10.00 9.63 -11.82
CA LEU C 96 -9.43 8.40 -11.23
C LEU C 96 -9.91 7.15 -11.99
N SER C 97 -11.21 7.01 -12.14
CA SER C 97 -11.72 5.78 -12.77
C SER C 97 -11.24 5.62 -14.18
N LYS C 98 -11.23 6.71 -14.91
CA LYS C 98 -10.67 6.73 -16.26
C LYS C 98 -9.23 6.15 -16.24
N SER C 99 -8.47 6.53 -15.23
CA SER C 99 -7.04 6.15 -15.18
C SER C 99 -6.92 4.66 -14.90
N TYR C 100 -7.78 4.18 -14.01
CA TYR C 100 -7.75 2.79 -13.56
C TYR C 100 -8.06 1.85 -14.75
N LEU C 101 -9.04 2.25 -15.55
CA LEU C 101 -9.46 1.48 -16.72
C LEU C 101 -8.30 1.36 -17.69
N LYS C 102 -7.55 2.45 -17.81
CA LYS C 102 -6.39 2.51 -18.69
C LYS C 102 -5.30 1.54 -18.20
N LEU C 103 -5.06 1.59 -16.90
CA LEU C 103 -3.98 0.82 -16.23
C LEU C 103 -4.22 -0.69 -16.26
N HIS C 104 -5.48 -1.07 -16.30
CA HIS C 104 -5.87 -2.46 -16.39
C HIS C 104 -6.16 -2.86 -17.82
N GLN C 105 -6.07 -1.89 -18.71
CA GLN C 105 -6.19 -2.16 -20.13
C GLN C 105 -7.47 -2.92 -20.44
N VAL C 106 -8.51 -2.49 -19.76
CA VAL C 106 -9.92 -2.95 -20.03
C VAL C 106 -10.33 -2.64 -21.45
N THR C 107 -10.94 -3.64 -22.10
CA THR C 107 -11.41 -3.52 -23.48
C THR C 107 -12.88 -3.94 -23.66
N ASN C 108 -13.27 -4.00 -24.92
CA ASN C 108 -14.68 -4.24 -25.23
C ASN C 108 -14.96 -5.73 -25.29
N LYS C 109 -13.94 -6.52 -24.98
CA LYS C 109 -14.13 -7.98 -24.84
C LYS C 109 -14.53 -8.31 -23.42
N ASP C 110 -14.45 -7.30 -22.59
CA ASP C 110 -14.49 -7.47 -21.15
C ASP C 110 -15.87 -7.11 -20.54
N VAL C 111 -16.11 -7.63 -19.36
CA VAL C 111 -17.29 -7.26 -18.54
C VAL C 111 -16.78 -6.67 -17.24
N ILE C 112 -17.48 -5.66 -16.76
CA ILE C 112 -17.11 -5.03 -15.47
C ILE C 112 -18.31 -4.99 -14.53
N MSE C 113 -18.08 -5.41 -13.30
CA MSE C 113 -19.05 -5.21 -12.23
C MSE C 113 -18.55 -4.15 -11.27
O MSE C 113 -17.42 -4.25 -10.74
CB MSE C 113 -19.29 -6.48 -11.44
CG MSE C 113 -20.37 -6.24 -10.38
SE MSE C 113 -21.18 -7.82 -9.63
CE MSE C 113 -19.60 -8.61 -8.83
N ILE C 114 -19.43 -3.16 -11.07
CA ILE C 114 -19.20 -2.00 -10.21
C ILE C 114 -20.21 -2.01 -9.07
N ILE C 115 -19.67 -2.01 -7.88
CA ILE C 115 -20.43 -2.08 -6.64
C ILE C 115 -20.38 -0.74 -5.92
N SER C 116 -21.54 -0.14 -5.77
CA SER C 116 -21.70 1.07 -4.91
C SER C 116 -23.09 1.11 -4.30
N ASN C 117 -23.14 1.18 -2.98
N ASN C 117 -23.14 1.19 -2.97
CA ASN C 117 -24.41 1.19 -2.28
CA ASN C 117 -24.41 1.15 -2.24
C ASN C 117 -25.31 2.26 -2.82
C ASN C 117 -25.33 2.27 -2.71
N SER C 118 -24.79 3.47 -2.77
CA SER C 118 -25.58 4.65 -3.15
C SER C 118 -25.52 4.91 -4.64
N GLY C 119 -24.35 4.68 -5.25
CA GLY C 119 -24.22 4.81 -6.73
C GLY C 119 -24.23 6.26 -7.16
N ARG C 120 -23.96 7.13 -6.20
CA ARG C 120 -24.15 8.57 -6.37
C ARG C 120 -22.87 9.38 -6.65
N ASN C 121 -21.73 8.81 -6.29
CA ASN C 121 -20.49 9.55 -6.38
C ASN C 121 -19.75 9.42 -7.71
N THR C 122 -18.82 10.33 -7.89
CA THR C 122 -18.12 10.50 -9.16
C THR C 122 -17.37 9.25 -9.63
N VAL C 123 -16.59 8.65 -8.74
CA VAL C 123 -15.79 7.47 -9.12
C VAL C 123 -16.61 6.28 -9.67
N PRO C 124 -17.63 5.82 -8.91
CA PRO C 124 -18.38 4.70 -9.53
C PRO C 124 -19.13 5.06 -10.82
N VAL C 125 -19.66 6.28 -10.90
CA VAL C 125 -20.50 6.68 -12.03
C VAL C 125 -19.57 6.83 -13.24
N GLU C 126 -18.46 7.51 -13.01
CA GLU C 126 -17.47 7.72 -14.08
C GLU C 126 -16.91 6.41 -14.62
N MSE C 127 -16.78 5.44 -13.73
CA MSE C 127 -16.27 4.17 -14.16
C MSE C 127 -17.25 3.43 -15.09
O MSE C 127 -16.84 2.74 -16.04
CB MSE C 127 -15.93 3.27 -13.03
CG MSE C 127 -14.97 2.29 -13.63
SE MSE C 127 -14.26 1.14 -12.38
CE MSE C 127 -12.73 2.27 -11.90
N ALA C 128 -18.53 3.58 -14.79
CA ALA C 128 -19.57 2.92 -15.59
C ALA C 128 -19.62 3.64 -16.94
N ILE C 129 -19.60 4.96 -16.91
CA ILE C 129 -19.66 5.74 -18.16
C ILE C 129 -18.48 5.41 -19.08
N GLU C 130 -17.30 5.31 -18.48
CA GLU C 130 -16.08 5.07 -19.26
C GLU C 130 -16.01 3.65 -19.77
N SER C 131 -16.62 2.75 -19.04
CA SER C 131 -16.60 1.33 -19.42
C SER C 131 -17.55 1.18 -20.61
N ARG C 132 -18.60 1.98 -20.60
CA ARG C 132 -19.57 1.95 -21.70
C ARG C 132 -18.90 2.44 -22.96
N ASN C 133 -18.14 3.52 -22.80
CA ASN C 133 -17.43 4.14 -23.92
C ASN C 133 -16.51 3.14 -24.60
N ILE C 134 -15.74 2.47 -23.75
CA ILE C 134 -14.83 1.40 -24.20
C ILE C 134 -15.62 0.34 -24.94
N GLY C 135 -16.83 0.07 -24.42
CA GLY C 135 -17.70 -0.98 -24.92
C GLY C 135 -17.65 -2.28 -24.12
N ALA C 136 -17.21 -2.18 -22.86
CA ALA C 136 -17.38 -3.28 -21.91
C ALA C 136 -18.79 -3.24 -21.33
N LYS C 137 -19.36 -4.44 -21.17
CA LYS C 137 -20.65 -4.64 -20.48
C LYS C 137 -20.52 -4.29 -19.04
N VAL C 138 -21.56 -3.66 -18.51
CA VAL C 138 -21.59 -3.20 -17.11
C VAL C 138 -22.66 -3.85 -16.25
N ILE C 139 -22.21 -4.41 -15.13
CA ILE C 139 -23.07 -4.87 -14.07
C ILE C 139 -22.86 -3.95 -12.86
N ALA C 140 -23.98 -3.40 -12.38
CA ALA C 140 -24.01 -2.65 -11.10
C ALA C 140 -24.60 -3.48 -9.98
N MSE C 141 -23.87 -3.46 -8.86
CA MSE C 141 -24.39 -3.89 -7.60
C MSE C 141 -24.52 -2.68 -6.68
O MSE C 141 -23.56 -1.94 -6.43
CB MSE C 141 -23.56 -5.01 -6.97
CG MSE C 141 -24.33 -5.73 -5.86
SE MSE C 141 -23.20 -6.79 -4.76
CE MSE C 141 -23.04 -8.28 -6.08
N THR C 142 -25.75 -2.46 -6.27
CA THR C 142 -26.17 -1.22 -5.59
C THR C 142 -27.40 -1.50 -4.73
N SER C 143 -27.66 -0.56 -3.84
CA SER C 143 -28.89 -0.58 -3.08
C SER C 143 -29.89 0.30 -3.81
N MSE C 144 -30.88 -0.31 -4.43
CA MSE C 144 -31.81 0.45 -5.28
C MSE C 144 -32.65 1.44 -4.48
O MSE C 144 -33.09 2.46 -5.00
CB MSE C 144 -32.69 -0.48 -6.12
CG MSE C 144 -31.93 -0.99 -7.34
SE MSE C 144 -31.34 0.53 -8.50
CE MSE C 144 -32.93 0.62 -9.61
N LYS C 145 -32.80 1.13 -3.20
CA LYS C 145 -33.60 1.93 -2.26
C LYS C 145 -32.83 3.16 -1.85
N HIS C 146 -31.58 2.93 -1.47
CA HIS C 146 -30.71 4.01 -1.02
C HIS C 146 -30.46 4.95 -2.16
N SER C 147 -30.31 4.35 -3.33
CA SER C 147 -29.78 5.06 -4.49
C SER C 147 -30.84 5.99 -4.98
N GLN C 148 -32.01 5.41 -5.19
CA GLN C 148 -33.17 6.15 -5.76
C GLN C 148 -33.59 7.30 -4.83
N LYS C 149 -33.09 7.24 -3.60
CA LYS C 149 -33.52 8.16 -2.52
C LYS C 149 -32.60 9.35 -2.42
N VAL C 150 -31.37 9.17 -2.91
CA VAL C 150 -30.39 10.24 -2.93
C VAL C 150 -30.15 10.80 -4.31
N THR C 151 -29.54 11.97 -4.27
CA THR C 151 -29.21 12.75 -5.46
C THR C 151 -27.78 12.42 -5.94
N SER C 152 -27.63 12.46 -7.25
CA SER C 152 -26.37 12.18 -7.92
C SER C 152 -25.45 13.33 -7.78
N ARG C 153 -24.25 12.97 -7.40
CA ARG C 153 -23.17 13.92 -7.19
C ARG C 153 -22.24 13.96 -8.39
N HIS C 154 -22.48 13.08 -9.35
CA HIS C 154 -21.71 13.08 -10.57
C HIS C 154 -22.27 14.17 -11.43
N LYS C 155 -21.39 14.80 -12.20
CA LYS C 155 -21.77 15.98 -12.98
C LYS C 155 -22.94 15.67 -13.90
N SER C 156 -23.09 14.41 -14.25
CA SER C 156 -24.12 13.96 -15.22
C SER C 156 -25.49 14.07 -14.63
N GLY C 157 -25.52 14.29 -13.33
CA GLY C 157 -26.78 14.24 -12.55
C GLY C 157 -27.36 12.83 -12.45
N LYS C 158 -26.62 11.87 -13.00
CA LYS C 158 -27.07 10.47 -13.00
C LYS C 158 -26.40 9.58 -11.95
N LYS C 159 -26.98 8.40 -11.84
CA LYS C 159 -26.55 7.42 -10.85
C LYS C 159 -26.01 6.16 -11.52
N LEU C 160 -25.20 5.44 -10.75
CA LEU C 160 -24.52 4.21 -11.22
C LEU C 160 -25.47 3.31 -12.01
N TYR C 161 -26.63 3.03 -11.44
CA TYR C 161 -27.49 1.96 -11.99
C TYR C 161 -28.02 2.33 -13.36
N GLU C 162 -27.95 3.61 -13.67
CA GLU C 162 -28.49 4.13 -14.91
C GLU C 162 -27.61 3.82 -16.12
N TYR C 163 -26.42 3.32 -15.82
CA TYR C 163 -25.39 3.11 -16.82
C TYR C 163 -25.08 1.63 -16.97
N ALA C 164 -25.94 0.82 -16.39
CA ALA C 164 -25.71 -0.63 -16.24
C ALA C 164 -26.51 -1.45 -17.21
N ASP C 165 -25.89 -2.52 -17.68
CA ASP C 165 -26.57 -3.47 -18.58
C ASP C 165 -27.38 -4.45 -17.75
N VAL C 166 -26.89 -4.68 -16.55
CA VAL C 166 -27.56 -5.50 -15.52
C VAL C 166 -27.34 -4.84 -14.19
N VAL C 167 -28.38 -4.83 -13.36
CA VAL C 167 -28.35 -4.30 -12.00
C VAL C 167 -28.66 -5.41 -10.99
N LEU C 168 -27.80 -5.51 -10.00
CA LEU C 168 -28.05 -6.35 -8.84
C LEU C 168 -28.33 -5.49 -7.61
N ASP C 169 -29.52 -5.66 -7.06
CA ASP C 169 -29.95 -4.91 -5.90
C ASP C 169 -29.64 -5.70 -4.65
N ASN C 170 -28.82 -5.12 -3.77
CA ASN C 170 -28.36 -5.82 -2.56
C ASN C 170 -29.40 -5.73 -1.45
N GLY C 171 -30.48 -5.08 -1.80
CA GLY C 171 -31.69 -4.91 -0.97
C GLY C 171 -31.48 -4.14 0.33
N ALA C 172 -30.33 -3.50 0.46
CA ALA C 172 -30.05 -2.69 1.69
C ALA C 172 -31.04 -1.52 1.84
N PRO C 173 -31.45 -1.23 3.09
CA PRO C 173 -32.21 -0.01 3.30
C PRO C 173 -31.35 1.24 3.15
N VAL C 174 -32.02 2.33 2.88
CA VAL C 174 -31.36 3.64 2.85
C VAL C 174 -30.46 3.80 4.10
N GLY C 175 -29.21 4.14 3.79
CA GLY C 175 -28.16 4.34 4.78
C GLY C 175 -27.37 3.10 5.20
N ASP C 176 -27.82 1.94 4.74
CA ASP C 176 -27.11 0.68 4.96
C ASP C 176 -26.72 0.48 6.43
N ALA C 177 -27.62 0.87 7.29
CA ALA C 177 -27.56 0.48 8.69
C ALA C 177 -28.97 0.69 9.24
N GLY C 178 -29.74 -0.36 9.15
CA GLY C 178 -31.18 -0.23 9.28
C GLY C 178 -31.71 -0.80 10.56
N PHE C 179 -30.84 -1.47 11.32
CA PHE C 179 -31.28 -2.09 12.57
C PHE C 179 -31.18 -1.15 13.77
N GLN C 180 -32.34 -0.86 14.37
CA GLN C 180 -32.42 0.04 15.51
C GLN C 180 -32.20 -0.69 16.81
N ILE C 181 -31.18 -0.24 17.54
CA ILE C 181 -30.88 -0.77 18.86
C ILE C 181 -32.02 -0.36 19.84
N ALA C 182 -32.59 -1.38 20.45
CA ALA C 182 -33.70 -1.20 21.38
C ALA C 182 -33.40 -0.08 22.36
N ASN C 183 -34.39 0.80 22.52
CA ASN C 183 -34.37 1.82 23.56
C ASN C 183 -33.33 2.87 23.23
N SER C 184 -33.14 3.08 21.94
CA SER C 184 -32.23 4.12 21.43
C SER C 184 -32.58 4.57 20.02
N GLU C 185 -31.84 5.55 19.55
CA GLU C 185 -31.92 5.95 18.12
C GLU C 185 -30.60 5.66 17.43
N ILE C 186 -29.92 4.65 17.98
CA ILE C 186 -28.70 4.09 17.36
C ILE C 186 -29.14 3.07 16.36
N TYR C 187 -28.57 3.17 15.17
CA TYR C 187 -28.76 2.23 14.06
C TYR C 187 -27.47 1.55 13.67
N SER C 188 -27.60 0.25 13.46
CA SER C 188 -26.47 -0.61 13.09
C SER C 188 -26.85 -1.80 12.23
N GLY C 189 -25.92 -2.73 12.11
CA GLY C 189 -26.13 -3.99 11.37
C GLY C 189 -26.24 -3.92 9.85
N ALA C 190 -25.36 -3.12 9.24
CA ALA C 190 -25.30 -2.99 7.75
C ALA C 190 -25.30 -4.35 7.05
N THR C 191 -26.04 -4.41 5.94
CA THR C 191 -26.24 -5.67 5.19
C THR C 191 -25.64 -5.68 3.76
N SER C 192 -25.16 -4.54 3.33
CA SER C 192 -24.73 -4.42 1.94
C SER C 192 -23.64 -5.44 1.59
N ASP C 193 -22.83 -5.77 2.58
CA ASP C 193 -21.62 -6.52 2.29
C ASP C 193 -21.89 -8.00 2.43
N SER C 194 -22.59 -8.33 3.50
CA SER C 194 -22.95 -9.75 3.73
C SER C 194 -23.80 -10.27 2.60
N ILE C 195 -24.77 -9.44 2.19
CA ILE C 195 -25.65 -9.80 1.08
C ILE C 195 -24.93 -9.65 -0.26
N GLY C 196 -24.05 -8.67 -0.37
CA GLY C 196 -23.30 -8.49 -1.60
C GLY C 196 -22.35 -9.62 -1.91
N CYS C 197 -21.68 -10.13 -0.88
CA CYS C 197 -20.79 -11.28 -1.00
C CYS C 197 -21.61 -12.43 -1.47
N PHE C 198 -22.80 -12.58 -0.89
CA PHE C 198 -23.69 -13.66 -1.31
C PHE C 198 -24.04 -13.54 -2.80
N LEU C 199 -24.41 -12.35 -3.24
CA LEU C 199 -24.80 -12.12 -4.65
C LEU C 199 -23.65 -12.34 -5.63
N ALA C 200 -22.49 -11.86 -5.22
CA ALA C 200 -21.30 -12.01 -6.02
C ALA C 200 -20.99 -13.50 -6.19
N GLN C 201 -21.07 -14.26 -5.10
CA GLN C 201 -20.78 -15.70 -5.19
C GLN C 201 -21.86 -16.37 -6.02
N ALA C 202 -23.11 -15.98 -5.81
CA ALA C 202 -24.23 -16.60 -6.55
C ALA C 202 -23.99 -16.41 -8.06
N LEU C 203 -23.51 -15.22 -8.41
CA LEU C 203 -23.22 -14.83 -9.82
C LEU C 203 -22.13 -15.68 -10.47
N ILE C 204 -21.04 -15.84 -9.71
CA ILE C 204 -19.93 -16.70 -10.19
C ILE C 204 -20.42 -18.16 -10.30
N VAL C 205 -21.24 -18.56 -9.32
CA VAL C 205 -21.77 -19.92 -9.30
C VAL C 205 -22.57 -20.15 -10.59
N GLU C 206 -23.41 -19.19 -10.93
CA GLU C 206 -24.24 -19.24 -12.15
C GLU C 206 -23.41 -19.11 -13.43
N THR C 207 -22.37 -18.30 -13.36
CA THR C 207 -21.42 -18.18 -14.47
C THR C 207 -20.74 -19.54 -14.76
N LEU C 208 -20.25 -20.18 -13.71
CA LEU C 208 -19.57 -21.50 -13.86
C LEU C 208 -20.59 -22.50 -14.40
N HIS C 209 -21.80 -22.39 -13.89
CA HIS C 209 -22.86 -23.30 -14.28
C HIS C 209 -23.09 -23.24 -15.78
N LEU C 210 -23.14 -22.04 -16.33
CA LEU C 210 -23.42 -21.89 -17.79
C LEU C 210 -22.24 -22.33 -18.64
N LEU C 211 -21.04 -22.07 -18.14
CA LEU C 211 -19.81 -22.48 -18.85
C LEU C 211 -19.77 -24.01 -18.89
N VAL C 212 -20.15 -24.62 -17.77
CA VAL C 212 -20.03 -26.07 -17.63
C VAL C 212 -21.06 -26.68 -18.58
N GLN C 213 -22.18 -26.01 -18.72
CA GLN C 213 -23.30 -26.52 -19.55
C GLN C 213 -23.01 -26.44 -21.04
N GLN C 214 -21.99 -25.69 -21.37
CA GLN C 214 -21.70 -25.35 -22.75
C GLN C 214 -20.45 -26.08 -23.11
N GLY C 215 -20.07 -26.92 -22.17
CA GLY C 215 -18.97 -27.87 -22.32
C GLY C 215 -17.60 -27.30 -22.04
N PHE C 216 -17.57 -26.15 -21.41
CA PHE C 216 -16.29 -25.50 -21.04
C PHE C 216 -15.77 -25.98 -19.69
N GLU C 217 -14.47 -25.83 -19.48
CA GLU C 217 -13.81 -26.23 -18.22
C GLU C 217 -13.14 -25.00 -17.62
N PRO C 218 -13.91 -24.23 -16.83
CA PRO C 218 -13.33 -23.00 -16.30
C PRO C 218 -12.24 -23.27 -15.28
N PRO C 219 -11.26 -22.40 -15.22
CA PRO C 219 -10.24 -22.51 -14.20
C PRO C 219 -10.73 -21.87 -12.93
N VAL C 220 -10.82 -22.70 -11.91
CA VAL C 220 -11.37 -22.34 -10.61
C VAL C 220 -10.41 -22.84 -9.53
N PHE C 221 -10.05 -21.92 -8.66
CA PHE C 221 -9.09 -22.23 -7.60
C PHE C 221 -9.68 -23.27 -6.67
N LYS C 222 -8.86 -24.26 -6.34
CA LYS C 222 -9.24 -25.35 -5.43
C LYS C 222 -8.88 -24.94 -4.03
N SER C 223 -9.55 -25.59 -3.10
CA SER C 223 -9.34 -25.29 -1.67
C SER C 223 -8.07 -25.98 -1.12
N SER C 224 -7.36 -25.20 -0.27
CA SER C 224 -6.02 -25.54 0.23
C SER C 224 -5.95 -26.96 0.81
N ASN C 225 -7.13 -27.56 1.01
CA ASN C 225 -7.24 -28.89 1.65
C ASN C 225 -7.35 -30.04 0.67
N VAL C 226 -7.76 -29.76 -0.56
CA VAL C 226 -7.94 -30.83 -1.58
C VAL C 226 -6.65 -31.35 -2.17
N ASP C 227 -6.80 -32.55 -2.73
CA ASP C 227 -5.69 -33.35 -3.26
C ASP C 227 -5.10 -32.68 -4.50
N GLY C 228 -3.89 -32.17 -4.34
CA GLY C 228 -3.12 -31.56 -5.44
C GLY C 228 -3.62 -30.18 -5.82
N ALA C 229 -3.95 -29.41 -4.79
CA ALA C 229 -4.56 -28.07 -4.89
C ALA C 229 -3.63 -27.02 -5.48
N ASP C 230 -2.48 -26.85 -4.80
CA ASP C 230 -1.42 -25.88 -5.17
C ASP C 230 -0.74 -26.17 -6.49
N LEU C 231 -0.55 -27.43 -6.78
CA LEU C 231 0.04 -27.76 -8.07
C LEU C 231 -0.95 -27.14 -9.02
N TYR C 232 -2.23 -27.42 -8.75
CA TYR C 232 -3.32 -27.02 -9.63
C TYR C 232 -3.45 -25.50 -9.64
N ASN C 233 -3.19 -24.88 -8.49
CA ASN C 233 -3.52 -23.47 -8.26
C ASN C 233 -2.39 -22.62 -8.76
N ASP C 234 -1.23 -23.23 -8.85
CA ASP C 234 -0.09 -22.47 -9.35
C ASP C 234 -0.11 -22.55 -10.85
N LYS C 235 -0.58 -23.67 -11.36
CA LYS C 235 -0.76 -23.81 -12.79
C LYS C 235 -1.74 -22.74 -13.28
N ILE C 236 -2.87 -22.61 -12.59
CA ILE C 236 -3.97 -21.69 -13.03
C ILE C 236 -3.58 -20.22 -12.77
N PHE C 237 -2.90 -19.96 -11.64
N PHE C 237 -2.91 -19.97 -11.66
CA PHE C 237 -2.37 -18.62 -11.33
CA PHE C 237 -2.45 -18.63 -11.40
C PHE C 237 -1.50 -18.20 -12.52
C PHE C 237 -1.51 -18.20 -12.53
N ASN C 238 -0.66 -19.13 -12.95
CA ASN C 238 0.40 -18.82 -13.91
C ASN C 238 -0.19 -18.66 -15.29
N GLU C 239 -1.24 -19.39 -15.58
CA GLU C 239 -1.76 -19.39 -16.94
C GLU C 239 -2.77 -18.26 -17.12
N TYR C 240 -3.36 -17.84 -16.00
CA TYR C 240 -4.64 -17.09 -16.08
C TYR C 240 -4.70 -15.79 -15.33
N VAL C 241 -4.09 -15.74 -14.17
CA VAL C 241 -4.25 -14.56 -13.31
C VAL C 241 -3.55 -13.32 -13.88
N LYS C 242 -4.37 -12.32 -14.16
CA LYS C 242 -3.92 -10.96 -14.46
C LYS C 242 -4.40 -10.08 -13.32
N TRP C 243 -3.49 -9.23 -12.88
CA TRP C 243 -3.78 -8.29 -11.81
C TRP C 243 -3.28 -6.89 -12.17
N MSE D 2 -31.56 -23.61 -21.07
CA MSE D 2 -30.44 -23.65 -20.08
C MSE D 2 -30.91 -23.54 -18.65
O MSE D 2 -31.72 -22.68 -18.29
CB MSE D 2 -29.40 -22.56 -20.37
CG MSE D 2 -28.51 -22.90 -21.52
SE MSE D 2 -26.66 -22.29 -21.31
CE MSE D 2 -26.83 -20.45 -22.00
N THR D 3 -30.37 -24.43 -17.83
CA THR D 3 -30.70 -24.50 -16.41
C THR D 3 -30.10 -23.35 -15.66
N SER D 4 -30.55 -23.22 -14.42
CA SER D 4 -29.99 -22.23 -13.47
C SER D 4 -29.70 -22.88 -12.15
N SER D 5 -28.63 -22.37 -11.56
CA SER D 5 -28.13 -22.87 -10.30
C SER D 5 -28.64 -22.03 -9.14
N PHE D 6 -29.28 -20.91 -9.44
CA PHE D 6 -29.62 -19.94 -8.40
C PHE D 6 -30.41 -20.54 -7.25
N THR D 7 -31.50 -21.24 -7.56
CA THR D 7 -32.37 -21.76 -6.51
C THR D 7 -31.55 -22.75 -5.65
N ASP D 8 -30.78 -23.58 -6.34
CA ASP D 8 -29.98 -24.60 -5.64
C ASP D 8 -29.01 -23.92 -4.66
N TYR D 9 -28.41 -22.83 -5.13
CA TYR D 9 -27.34 -22.16 -4.39
C TYR D 9 -27.98 -21.46 -3.19
N CYS D 10 -29.18 -20.97 -3.39
CA CYS D 10 -29.96 -20.35 -2.30
C CYS D 10 -30.23 -21.38 -1.20
N LYS D 11 -30.74 -22.53 -1.60
CA LYS D 11 -31.05 -23.58 -0.63
C LYS D 11 -29.81 -23.98 0.20
N PHE D 12 -28.68 -23.98 -0.49
CA PHE D 12 -27.37 -24.44 0.07
C PHE D 12 -26.87 -23.40 1.07
N PHE D 13 -26.94 -22.14 0.67
CA PHE D 13 -26.51 -21.04 1.51
C PHE D 13 -27.42 -20.96 2.73
N ASN D 14 -28.72 -21.10 2.49
CA ASN D 14 -29.73 -20.81 3.50
C ASN D 14 -29.61 -21.83 4.62
N ARG D 15 -29.18 -23.02 4.25
N ARG D 15 -29.19 -23.04 4.25
CA ARG D 15 -29.05 -24.14 5.16
CA ARG D 15 -29.05 -24.14 5.18
C ARG D 15 -27.92 -23.87 6.13
C ARG D 15 -27.92 -23.87 6.14
N ILE D 16 -26.80 -23.45 5.57
CA ILE D 16 -25.63 -23.08 6.37
C ILE D 16 -26.01 -21.92 7.29
N LEU D 17 -26.71 -20.93 6.72
CA LEU D 17 -27.06 -19.71 7.48
C LEU D 17 -28.01 -20.04 8.65
N SER D 18 -29.05 -20.81 8.35
CA SER D 18 -29.98 -21.24 9.37
C SER D 18 -29.26 -21.96 10.49
N GLU D 19 -28.30 -22.79 10.12
CA GLU D 19 -27.60 -23.56 11.13
C GLU D 19 -26.84 -22.63 12.06
N VAL D 20 -26.26 -21.60 11.46
CA VAL D 20 -25.39 -20.69 12.18
C VAL D 20 -26.23 -19.89 13.15
N GLN D 21 -27.33 -19.39 12.63
CA GLN D 21 -28.27 -18.61 13.45
C GLN D 21 -28.85 -19.44 14.58
N GLU D 22 -28.98 -20.73 14.37
CA GLU D 22 -29.65 -21.55 15.36
C GLU D 22 -28.68 -21.93 16.45
N THR D 23 -27.39 -21.87 16.16
CA THR D 23 -26.41 -22.45 17.06
C THR D 23 -25.42 -21.45 17.67
N GLN D 24 -25.29 -20.27 17.06
CA GLN D 24 -24.24 -19.30 17.49
C GLN D 24 -24.72 -18.19 18.43
N GLU D 25 -26.00 -18.23 18.79
CA GLU D 25 -26.57 -17.22 19.67
C GLU D 25 -25.80 -17.07 20.97
N GLN D 26 -25.57 -18.17 21.67
CA GLN D 26 -24.89 -18.07 22.99
C GLN D 26 -23.47 -17.46 22.81
N ALA D 27 -22.85 -17.78 21.68
CA ALA D 27 -21.43 -17.41 21.50
C ALA D 27 -21.36 -15.90 21.18
N ILE D 28 -22.38 -15.44 20.44
CA ILE D 28 -22.51 -14.02 20.10
C ILE D 28 -22.71 -13.20 21.38
N ILE D 29 -23.53 -13.74 22.26
CA ILE D 29 -23.87 -13.06 23.51
C ILE D 29 -22.66 -12.98 24.40
N LYS D 30 -21.89 -14.07 24.44
CA LYS D 30 -20.69 -14.15 25.25
C LYS D 30 -19.60 -13.17 24.75
N GLY D 31 -19.48 -13.10 23.43
CA GLY D 31 -18.54 -12.21 22.77
C GLY D 31 -18.87 -10.76 23.03
N ALA D 32 -20.16 -10.49 22.95
CA ALA D 32 -20.70 -9.15 23.10
C ALA D 32 -20.49 -8.65 24.54
N HIS D 33 -20.56 -9.56 25.51
CA HIS D 33 -20.20 -9.22 26.89
C HIS D 33 -18.73 -8.84 26.98
N LEU D 34 -17.90 -9.59 26.27
CA LEU D 34 -16.46 -9.40 26.35
C LEU D 34 -16.19 -8.00 25.85
N VAL D 35 -16.75 -7.69 24.70
CA VAL D 35 -16.53 -6.41 24.00
C VAL D 35 -17.11 -5.22 24.77
N SER D 36 -18.35 -5.34 25.20
CA SER D 36 -19.02 -4.28 25.98
C SER D 36 -18.24 -3.99 27.25
N GLU D 37 -17.78 -5.07 27.87
CA GLU D 37 -17.02 -4.92 29.15
C GLU D 37 -15.70 -4.19 28.90
N ALA D 38 -15.10 -4.44 27.75
CA ALA D 38 -13.81 -3.80 27.40
C ALA D 38 -14.03 -2.31 27.21
N VAL D 39 -15.12 -2.03 26.50
CA VAL D 39 -15.49 -0.68 26.10
C VAL D 39 -15.79 0.20 27.31
N MSE D 40 -16.52 -0.35 28.27
CA MSE D 40 -16.89 0.36 29.48
C MSE D 40 -15.71 0.61 30.41
O MSE D 40 -15.76 1.45 31.30
CB MSE D 40 -18.00 -0.38 30.24
CG MSE D 40 -19.32 -0.47 29.46
SE MSE D 40 -20.78 -1.36 30.44
CE MSE D 40 -20.03 -3.15 30.41
N ASN D 41 -14.64 -0.13 30.17
CA ASN D 41 -13.43 -0.15 31.02
C ASN D 41 -12.27 0.61 30.33
N GLY D 42 -12.66 1.32 29.27
CA GLY D 42 -11.75 2.20 28.55
C GLY D 42 -10.86 1.49 27.55
N GLY D 43 -11.30 0.30 27.16
CA GLY D 43 -10.66 -0.52 26.13
C GLY D 43 -11.16 -0.35 24.71
N ARG D 44 -10.45 -0.98 23.80
CA ARG D 44 -10.84 -0.97 22.38
C ARG D 44 -11.05 -2.37 21.86
N PHE D 45 -11.69 -2.42 20.70
CA PHE D 45 -12.01 -3.69 20.03
C PHE D 45 -11.22 -3.75 18.75
N TYR D 46 -10.13 -4.52 18.77
CA TYR D 46 -9.28 -4.79 17.58
C TYR D 46 -9.80 -5.99 16.84
N VAL D 47 -9.71 -5.92 15.52
CA VAL D 47 -10.23 -6.96 14.59
C VAL D 47 -9.19 -7.23 13.53
N PHE D 48 -8.87 -8.50 13.35
CA PHE D 48 -7.84 -8.93 12.42
C PHE D 48 -8.11 -10.23 11.73
N GLY D 49 -7.81 -10.23 10.44
CA GLY D 49 -7.80 -11.44 9.59
C GLY D 49 -6.78 -11.37 8.46
N SER D 50 -6.29 -12.53 8.04
CA SER D 50 -5.32 -12.62 6.94
C SER D 50 -6.04 -13.08 5.70
N GLY D 51 -5.50 -12.76 4.52
CA GLY D 51 -6.13 -13.14 3.25
C GLY D 51 -7.55 -12.58 3.17
N HIS D 52 -8.49 -13.35 2.64
CA HIS D 52 -9.88 -12.89 2.53
C HIS D 52 -10.54 -12.58 3.86
N SER D 53 -10.01 -13.17 4.90
CA SER D 53 -10.60 -13.00 6.27
C SER D 53 -10.44 -11.56 6.78
N HIS D 54 -9.50 -10.83 6.17
CA HIS D 54 -9.27 -9.41 6.52
C HIS D 54 -10.53 -8.57 6.32
N MSE D 55 -11.37 -8.96 5.36
CA MSE D 55 -12.51 -8.11 5.01
C MSE D 55 -13.50 -8.09 6.15
O MSE D 55 -14.31 -7.18 6.25
CB MSE D 55 -13.19 -8.56 3.70
CG MSE D 55 -14.18 -9.66 3.82
SE MSE D 55 -14.98 -9.96 2.02
CE MSE D 55 -13.37 -10.67 1.26
N ILE D 56 -13.40 -9.05 7.04
CA ILE D 56 -14.37 -9.12 8.16
C ILE D 56 -14.02 -8.04 9.20
N ALA D 57 -12.72 -7.76 9.29
CA ALA D 57 -12.21 -6.65 10.09
C ALA D 57 -12.70 -5.30 9.51
N GLU D 58 -12.65 -5.21 8.18
CA GLU D 58 -13.06 -4.00 7.42
C GLU D 58 -14.54 -3.73 7.65
N GLU D 59 -15.26 -4.85 7.64
CA GLU D 59 -16.72 -4.86 7.69
C GLU D 59 -17.25 -4.01 8.81
N ILE D 60 -16.55 -3.98 9.94
CA ILE D 60 -17.11 -3.33 11.15
C ILE D 60 -16.29 -2.13 11.59
N TYR D 61 -15.46 -1.67 10.68
CA TYR D 61 -14.53 -0.53 10.86
C TYR D 61 -14.90 0.67 9.98
N ASN D 62 -14.99 1.83 10.63
CA ASN D 62 -15.21 3.13 9.96
C ASN D 62 -16.33 3.08 8.94
N ARG D 63 -17.46 2.62 9.41
CA ARG D 63 -18.64 2.67 8.58
C ARG D 63 -19.90 2.97 9.32
N ALA D 64 -20.92 3.15 8.49
CA ALA D 64 -22.28 3.39 8.93
C ALA D 64 -22.72 2.24 9.85
N GLY D 65 -23.07 2.61 11.08
CA GLY D 65 -23.50 1.66 12.09
C GLY D 65 -22.33 1.12 12.85
N GLY D 66 -21.17 1.68 12.53
CA GLY D 66 -19.92 1.22 13.08
C GLY D 66 -19.66 1.86 14.44
N LEU D 67 -19.26 1.01 15.38
CA LEU D 67 -18.76 1.40 16.71
C LEU D 67 -17.32 1.97 16.57
N ALA D 68 -17.12 3.21 16.99
CA ALA D 68 -15.90 3.97 16.70
C ALA D 68 -14.74 3.50 17.51
N LEU D 69 -15.06 2.63 18.45
CA LEU D 69 -14.05 1.96 19.28
C LEU D 69 -13.51 0.66 18.62
N VAL D 70 -13.98 0.38 17.41
CA VAL D 70 -13.40 -0.66 16.56
C VAL D 70 -12.19 -0.13 15.80
N THR D 71 -11.05 -0.81 15.98
CA THR D 71 -9.85 -0.57 15.17
C THR D 71 -9.47 -1.82 14.43
N ALA D 72 -9.67 -1.82 13.11
CA ALA D 72 -9.20 -2.91 12.23
C ALA D 72 -7.67 -2.88 12.10
N ILE D 73 -7.04 -4.03 12.32
CA ILE D 73 -5.59 -4.17 12.10
C ILE D 73 -5.54 -4.75 10.69
N LEU D 74 -5.05 -3.94 9.77
CA LEU D 74 -5.11 -4.21 8.34
C LEU D 74 -3.76 -4.13 7.66
N PRO D 75 -2.91 -5.13 7.87
CA PRO D 75 -1.57 -5.00 7.26
C PRO D 75 -1.63 -5.30 5.78
N PRO D 76 -1.19 -4.36 4.92
CA PRO D 76 -1.53 -4.59 3.51
C PRO D 76 -0.82 -5.81 2.93
N GLU D 77 0.28 -6.19 3.55
CA GLU D 77 1.06 -7.38 3.14
C GLU D 77 0.25 -8.68 3.22
N LEU D 78 -0.82 -8.65 4.00
CA LEU D 78 -1.63 -9.85 4.26
C LEU D 78 -2.97 -9.76 3.55
N MSE D 79 -3.12 -8.74 2.72
CA MSE D 79 -4.35 -8.58 1.91
C MSE D 79 -4.13 -9.10 0.48
O MSE D 79 -3.18 -9.83 0.23
CB MSE D 79 -4.81 -7.14 1.95
CG MSE D 79 -5.00 -6.67 3.40
SE MSE D 79 -5.37 -4.78 3.70
CE MSE D 79 -6.59 -4.66 2.21
N LEU D 80 -4.99 -8.68 -0.44
CA LEU D 80 -5.07 -9.35 -1.75
C LEU D 80 -4.58 -8.54 -2.97
N HIS D 81 -4.32 -7.26 -2.74
CA HIS D 81 -4.15 -6.31 -3.85
C HIS D 81 -2.67 -6.03 -4.20
N GLU D 82 -1.74 -6.35 -3.30
CA GLU D 82 -0.38 -5.96 -3.59
C GLU D 82 0.15 -6.81 -4.71
N ARG D 83 0.03 -8.10 -4.52
CA ARG D 83 0.39 -9.11 -5.55
C ARG D 83 -0.38 -10.40 -5.26
N PRO D 84 -0.72 -11.19 -6.27
CA PRO D 84 -1.31 -12.51 -6.04
C PRO D 84 -0.39 -13.43 -5.27
N ASN D 85 -0.97 -14.15 -4.32
N ASN D 85 -1.00 -14.12 -4.32
CA ASN D 85 -0.29 -15.17 -3.49
CA ASN D 85 -0.38 -15.14 -3.51
C ASN D 85 0.50 -14.64 -2.33
C ASN D 85 0.60 -14.66 -2.45
N LYS D 86 0.73 -13.35 -2.31
CA LYS D 86 1.63 -12.79 -1.29
C LYS D 86 1.09 -13.12 0.10
N SER D 87 -0.22 -12.99 0.30
CA SER D 87 -0.82 -13.22 1.63
C SER D 87 -0.60 -14.66 2.07
N THR D 88 -0.60 -15.55 1.09
CA THR D 88 -0.53 -17.01 1.31
C THR D 88 0.78 -17.40 1.91
N TYR D 89 1.83 -16.78 1.37
CA TYR D 89 3.17 -17.00 1.86
C TYR D 89 3.33 -16.34 3.22
N LEU D 90 2.88 -15.11 3.35
CA LEU D 90 3.21 -14.35 4.56
C LEU D 90 2.46 -14.86 5.81
N GLU D 91 1.30 -15.49 5.59
CA GLU D 91 0.48 -16.03 6.68
C GLU D 91 1.20 -17.15 7.42
N ARG D 92 2.24 -17.68 6.81
CA ARG D 92 2.97 -18.79 7.37
C ARG D 92 4.22 -18.33 8.12
N ILE D 93 4.39 -17.01 8.27
CA ILE D 93 5.64 -16.46 8.80
C ILE D 93 5.49 -16.10 10.28
N GLU D 94 6.39 -16.64 11.11
CA GLU D 94 6.47 -16.27 12.55
C GLU D 94 6.93 -14.86 12.76
N GLY D 95 6.34 -14.22 13.76
CA GLY D 95 6.85 -12.91 14.23
C GLY D 95 6.08 -11.70 13.74
N LEU D 96 5.32 -11.89 12.68
CA LEU D 96 4.48 -10.80 12.12
C LEU D 96 3.37 -10.34 13.11
N SER D 97 2.60 -11.31 13.61
CA SER D 97 1.48 -11.00 14.48
C SER D 97 1.94 -10.24 15.73
N LYS D 98 3.04 -10.68 16.30
CA LYS D 98 3.56 -10.05 17.49
C LYS D 98 3.97 -8.60 17.20
N SER D 99 4.57 -8.35 16.03
CA SER D 99 4.91 -6.97 15.66
C SER D 99 3.64 -6.11 15.50
N TYR D 100 2.59 -6.68 14.98
CA TYR D 100 1.37 -5.91 14.69
C TYR D 100 0.76 -5.43 16.02
N LEU D 101 0.84 -6.32 17.00
CA LEU D 101 0.27 -6.09 18.35
C LEU D 101 1.07 -4.99 19.04
N LYS D 102 2.36 -4.96 18.81
CA LYS D 102 3.20 -3.89 19.35
C LYS D 102 2.87 -2.61 18.65
N LEU D 103 2.85 -2.66 17.32
CA LEU D 103 2.55 -1.47 16.51
C LEU D 103 1.23 -0.84 16.89
N HIS D 104 0.23 -1.66 17.25
CA HIS D 104 -1.11 -1.14 17.62
C HIS D 104 -1.32 -0.92 19.11
N GLN D 105 -0.27 -1.18 19.86
CA GLN D 105 -0.27 -1.03 21.32
C GLN D 105 -1.47 -1.66 21.99
N VAL D 106 -1.72 -2.92 21.68
CA VAL D 106 -2.83 -3.66 22.24
C VAL D 106 -2.51 -3.93 23.71
N THR D 107 -3.51 -3.79 24.56
CA THR D 107 -3.32 -4.00 26.02
C THR D 107 -4.33 -4.94 26.63
N ASN D 108 -4.10 -5.21 27.92
CA ASN D 108 -4.93 -6.12 28.69
C ASN D 108 -6.33 -5.56 28.96
N LYS D 109 -6.55 -4.32 28.52
CA LYS D 109 -7.88 -3.66 28.65
C LYS D 109 -8.71 -3.95 27.40
N ASP D 110 -8.03 -4.45 26.39
CA ASP D 110 -8.65 -4.62 25.07
C ASP D 110 -9.16 -6.01 24.78
N VAL D 111 -9.93 -6.05 23.69
N VAL D 111 -9.94 -6.06 23.70
CA VAL D 111 -10.44 -7.30 23.13
CA VAL D 111 -10.43 -7.31 23.14
C VAL D 111 -10.04 -7.36 21.66
C VAL D 111 -10.04 -7.38 21.66
N ILE D 112 -9.66 -8.56 21.21
CA ILE D 112 -9.34 -8.77 19.80
C ILE D 112 -10.17 -9.89 19.23
N MSE D 113 -10.69 -9.64 18.02
CA MSE D 113 -11.32 -10.68 17.22
C MSE D 113 -10.44 -11.03 16.05
O MSE D 113 -10.06 -10.19 15.25
CB MSE D 113 -12.74 -10.30 16.73
CG MSE D 113 -13.34 -11.40 15.86
SE MSE D 113 -15.24 -11.38 15.65
CE MSE D 113 -15.40 -9.77 14.59
N ILE D 114 -10.13 -12.33 15.96
CA ILE D 114 -9.23 -12.90 14.95
C ILE D 114 -10.08 -13.85 14.14
N ILE D 115 -10.13 -13.59 12.83
CA ILE D 115 -10.90 -14.37 11.85
C ILE D 115 -9.96 -15.20 10.97
N SER D 116 -10.20 -16.50 10.96
CA SER D 116 -9.50 -17.42 10.09
C SER D 116 -10.33 -18.63 9.91
N ASN D 117 -10.72 -18.81 8.67
N ASN D 117 -10.71 -18.80 8.66
CA ASN D 117 -11.62 -19.89 8.28
CA ASN D 117 -11.53 -19.91 8.19
C ASN D 117 -11.01 -21.22 8.68
C ASN D 117 -10.98 -21.19 8.73
N SER D 118 -9.73 -21.41 8.37
CA SER D 118 -9.02 -22.68 8.72
C SER D 118 -8.39 -22.67 10.11
N GLY D 119 -7.88 -21.53 10.52
CA GLY D 119 -7.31 -21.39 11.85
C GLY D 119 -6.04 -22.17 12.09
N ARG D 120 -5.43 -22.63 11.01
CA ARG D 120 -4.26 -23.53 11.09
C ARG D 120 -2.88 -22.87 10.92
N ASN D 121 -2.84 -21.64 10.45
CA ASN D 121 -1.52 -21.04 10.10
C ASN D 121 -0.95 -20.14 11.14
N THR D 122 0.34 -19.90 10.98
CA THR D 122 1.14 -19.26 12.00
C THR D 122 0.60 -17.88 12.43
N VAL D 123 0.23 -17.08 11.43
CA VAL D 123 -0.17 -15.70 11.68
C VAL D 123 -1.37 -15.59 12.65
N PRO D 124 -2.50 -16.26 12.31
CA PRO D 124 -3.66 -16.15 13.19
C PRO D 124 -3.47 -16.84 14.56
N VAL D 125 -2.76 -17.96 14.60
CA VAL D 125 -2.55 -18.70 15.83
C VAL D 125 -1.63 -17.89 16.76
N GLU D 126 -0.56 -17.36 16.17
CA GLU D 126 0.39 -16.53 16.88
C GLU D 126 -0.28 -15.29 17.49
N MSE D 127 -1.14 -14.70 16.68
CA MSE D 127 -1.88 -13.51 17.09
C MSE D 127 -2.71 -13.80 18.34
O MSE D 127 -2.84 -12.96 19.26
CB MSE D 127 -2.79 -13.06 15.96
CG MSE D 127 -3.82 -12.09 16.37
SE MSE D 127 -3.39 -10.37 15.65
CE MSE D 127 -2.05 -10.01 16.70
N ALA D 128 -3.28 -15.01 18.36
CA ALA D 128 -4.13 -15.48 19.47
C ALA D 128 -3.27 -15.66 20.70
N ILE D 129 -2.15 -16.35 20.51
CA ILE D 129 -1.24 -16.66 21.62
C ILE D 129 -0.68 -15.39 22.25
N GLU D 130 -0.29 -14.47 21.39
CA GLU D 130 0.36 -13.26 21.88
C GLU D 130 -0.66 -12.32 22.51
N SER D 131 -1.90 -12.42 22.06
CA SER D 131 -3.00 -11.61 22.62
C SER D 131 -3.33 -12.07 24.05
N ARG D 132 -3.34 -13.38 24.25
CA ARG D 132 -3.57 -13.94 25.58
C ARG D 132 -2.42 -13.59 26.51
N ASN D 133 -1.21 -13.59 25.99
CA ASN D 133 -0.06 -13.24 26.82
C ASN D 133 -0.19 -11.84 27.38
N ILE D 134 -0.54 -10.92 26.49
CA ILE D 134 -0.78 -9.51 26.82
C ILE D 134 -1.93 -9.43 27.84
N GLY D 135 -2.89 -10.28 27.62
CA GLY D 135 -4.06 -10.38 28.47
C GLY D 135 -5.35 -9.86 27.89
N ALA D 136 -5.30 -9.51 26.61
CA ALA D 136 -6.49 -9.12 25.89
C ALA D 136 -7.36 -10.37 25.80
N LYS D 137 -8.68 -10.18 25.85
CA LYS D 137 -9.65 -11.26 25.60
C LYS D 137 -9.68 -11.55 24.10
N VAL D 138 -9.85 -12.81 23.75
CA VAL D 138 -9.78 -13.25 22.36
C VAL D 138 -11.07 -13.94 21.92
N ILE D 139 -11.63 -13.39 20.83
CA ILE D 139 -12.74 -13.96 20.09
C ILE D 139 -12.20 -14.44 18.77
N ALA D 140 -12.51 -15.69 18.41
CA ALA D 140 -12.11 -16.27 17.11
C ALA D 140 -13.34 -16.56 16.27
N MSE D 141 -13.23 -16.22 15.00
CA MSE D 141 -14.23 -16.60 13.98
C MSE D 141 -13.54 -17.51 12.97
O MSE D 141 -12.51 -17.17 12.39
CB MSE D 141 -14.81 -15.41 13.24
CG MSE D 141 -15.94 -15.78 12.30
SE MSE D 141 -16.64 -14.21 11.34
CE MSE D 141 -17.26 -13.19 12.87
N THR D 142 -14.15 -18.69 12.78
CA THR D 142 -13.47 -19.78 12.13
C THR D 142 -14.53 -20.71 11.59
N SER D 143 -14.13 -21.57 10.67
CA SER D 143 -14.99 -22.73 10.32
C SER D 143 -14.59 -23.91 11.18
N MSE D 144 -15.43 -24.30 12.13
CA MSE D 144 -15.10 -25.43 13.03
C MSE D 144 -14.99 -26.72 12.22
O MSE D 144 -14.15 -27.59 12.48
CB MSE D 144 -16.10 -25.59 14.18
CG MSE D 144 -15.91 -24.55 15.26
SE MSE D 144 -14.13 -24.51 16.01
CE MSE D 144 -14.31 -26.11 17.06
N LYS D 145 -15.78 -26.81 11.16
CA LYS D 145 -15.70 -27.97 10.25
C LYS D 145 -14.29 -28.08 9.65
N HIS D 146 -13.86 -26.98 9.05
CA HIS D 146 -12.56 -26.94 8.36
C HIS D 146 -11.42 -27.10 9.37
N SER D 147 -11.50 -26.32 10.44
CA SER D 147 -10.38 -26.19 11.38
C SER D 147 -10.12 -27.55 11.97
N GLN D 148 -11.20 -28.28 12.27
CA GLN D 148 -11.10 -29.58 12.98
C GLN D 148 -10.54 -30.67 12.08
N LYS D 149 -10.78 -30.51 10.80
CA LYS D 149 -10.45 -31.54 9.80
C LYS D 149 -9.00 -31.45 9.31
N VAL D 150 -8.40 -30.28 9.44
CA VAL D 150 -7.01 -30.03 9.00
C VAL D 150 -6.07 -29.95 10.18
N THR D 151 -4.80 -30.25 9.95
CA THR D 151 -3.78 -30.16 11.01
C THR D 151 -3.20 -28.76 11.15
N SER D 152 -2.84 -28.40 12.37
CA SER D 152 -2.17 -27.13 12.61
C SER D 152 -0.85 -27.07 11.94
N ARG D 153 -0.52 -25.90 11.43
CA ARG D 153 0.78 -25.66 10.86
C ARG D 153 1.61 -24.77 11.75
N HIS D 154 1.06 -24.44 12.91
CA HIS D 154 1.76 -23.64 13.91
C HIS D 154 2.61 -24.53 14.82
N LYS D 155 3.71 -23.97 15.33
CA LYS D 155 4.74 -24.76 16.05
C LYS D 155 4.18 -25.36 17.32
N SER D 156 3.06 -24.80 17.72
CA SER D 156 2.38 -25.14 18.99
C SER D 156 1.59 -26.41 18.78
N GLY D 157 1.25 -26.67 17.52
CA GLY D 157 0.49 -27.85 17.12
C GLY D 157 -0.98 -27.63 17.32
N LYS D 158 -1.31 -26.44 17.78
CA LYS D 158 -2.68 -26.07 18.13
C LYS D 158 -3.30 -25.09 17.13
N LYS D 159 -4.62 -25.03 17.15
CA LYS D 159 -5.34 -24.23 16.18
C LYS D 159 -5.97 -23.01 16.84
N LEU D 160 -6.51 -22.14 16.00
CA LEU D 160 -6.91 -20.81 16.48
C LEU D 160 -7.97 -20.93 17.58
N TYR D 161 -8.95 -21.77 17.30
CA TYR D 161 -10.11 -21.84 18.20
C TYR D 161 -9.64 -22.32 19.57
N GLU D 162 -8.50 -22.99 19.59
CA GLU D 162 -7.97 -23.53 20.81
C GLU D 162 -7.43 -22.46 21.74
N TYR D 163 -7.26 -21.26 21.23
CA TYR D 163 -6.72 -20.18 22.03
C TYR D 163 -7.71 -19.07 22.34
N ALA D 164 -8.95 -19.29 21.94
CA ALA D 164 -10.02 -18.28 22.05
C ALA D 164 -10.84 -18.39 23.32
N ASP D 165 -11.20 -17.22 23.83
CA ASP D 165 -12.11 -17.13 24.98
C ASP D 165 -13.54 -17.39 24.51
N VAL D 166 -13.79 -16.99 23.28
CA VAL D 166 -15.07 -17.23 22.60
C VAL D 166 -14.82 -17.59 21.14
N VAL D 167 -15.61 -18.53 20.64
CA VAL D 167 -15.55 -18.99 19.26
C VAL D 167 -16.91 -18.82 18.55
N LEU D 168 -16.84 -18.12 17.44
CA LEU D 168 -17.93 -17.96 16.49
C LEU D 168 -17.60 -18.87 15.31
N ASP D 169 -18.44 -19.86 15.13
CA ASP D 169 -18.41 -20.74 13.98
C ASP D 169 -19.19 -20.13 12.80
N ASN D 170 -18.50 -19.93 11.69
CA ASN D 170 -19.09 -19.36 10.46
C ASN D 170 -19.85 -20.38 9.65
N GLY D 171 -19.78 -21.64 10.10
CA GLY D 171 -20.57 -22.74 9.52
C GLY D 171 -20.08 -23.27 8.19
N ALA D 172 -19.01 -22.68 7.67
CA ALA D 172 -18.59 -23.01 6.29
C ALA D 172 -18.10 -24.44 6.19
N PRO D 173 -18.37 -25.08 5.05
CA PRO D 173 -17.84 -26.43 4.86
C PRO D 173 -16.34 -26.47 4.71
N VAL D 174 -15.78 -27.66 4.96
CA VAL D 174 -14.34 -27.86 4.74
C VAL D 174 -14.02 -27.36 3.33
N GLY D 175 -13.03 -26.48 3.24
CA GLY D 175 -12.56 -25.93 1.96
C GLY D 175 -13.22 -24.62 1.61
N ASP D 176 -14.26 -24.29 2.35
N ASP D 176 -14.25 -24.32 2.38
CA ASP D 176 -14.94 -22.97 2.25
CA ASP D 176 -15.04 -23.09 2.28
C ASP D 176 -15.54 -22.67 0.87
C ASP D 176 -15.99 -23.14 1.08
N ALA D 177 -15.47 -23.63 -0.03
CA ALA D 177 -16.23 -23.59 -1.29
C ALA D 177 -16.82 -24.96 -1.45
N GLY D 178 -18.08 -25.12 -1.09
CA GLY D 178 -18.64 -26.43 -1.02
C GLY D 178 -19.81 -26.67 -1.94
N PHE D 179 -20.15 -25.71 -2.77
CA PHE D 179 -21.27 -25.91 -3.72
C PHE D 179 -20.77 -26.54 -5.00
N GLN D 180 -21.19 -27.76 -5.27
CA GLN D 180 -20.67 -28.54 -6.42
C GLN D 180 -21.43 -28.16 -7.64
N ILE D 181 -20.72 -27.68 -8.66
CA ILE D 181 -21.39 -27.18 -9.88
C ILE D 181 -22.01 -28.39 -10.59
N ALA D 182 -23.27 -28.28 -10.94
CA ALA D 182 -23.96 -29.37 -11.62
C ALA D 182 -23.12 -29.96 -12.75
N ASN D 183 -23.18 -31.29 -12.84
CA ASN D 183 -22.52 -32.06 -13.90
C ASN D 183 -21.05 -31.72 -14.04
N SER D 184 -20.40 -31.54 -12.89
CA SER D 184 -18.94 -31.39 -12.81
C SER D 184 -18.35 -31.69 -11.44
N GLU D 185 -17.06 -31.46 -11.34
CA GLU D 185 -16.29 -31.70 -10.13
C GLU D 185 -15.84 -30.38 -9.54
N ILE D 186 -16.38 -29.29 -10.08
CA ILE D 186 -16.04 -27.93 -9.62
C ILE D 186 -16.80 -27.53 -8.39
N TYR D 187 -16.03 -27.03 -7.42
CA TYR D 187 -16.56 -26.42 -6.20
C TYR D 187 -16.37 -24.93 -6.13
N SER D 188 -17.48 -24.27 -5.86
CA SER D 188 -17.52 -22.82 -5.73
C SER D 188 -18.50 -22.35 -4.60
N GLY D 189 -18.82 -21.06 -4.59
CA GLY D 189 -19.82 -20.48 -3.70
C GLY D 189 -19.45 -20.38 -2.23
N ALA D 190 -18.19 -20.08 -1.98
CA ALA D 190 -17.71 -19.88 -0.63
C ALA D 190 -18.64 -19.01 0.16
N THR D 191 -18.79 -19.37 1.43
CA THR D 191 -19.71 -18.67 2.35
C THR D 191 -19.06 -17.97 3.53
N SER D 192 -17.76 -18.20 3.72
CA SER D 192 -17.07 -17.69 4.92
C SER D 192 -17.22 -16.20 5.12
N ASP D 193 -17.34 -15.46 4.02
CA ASP D 193 -17.27 -14.00 4.12
C ASP D 193 -18.65 -13.36 4.16
N SER D 194 -19.61 -13.93 3.44
CA SER D 194 -21.00 -13.45 3.48
C SER D 194 -21.59 -13.66 4.89
N ILE D 195 -21.47 -14.90 5.36
CA ILE D 195 -21.90 -15.24 6.69
C ILE D 195 -21.03 -14.58 7.75
N GLY D 196 -19.76 -14.48 7.44
CA GLY D 196 -18.78 -13.92 8.38
C GLY D 196 -19.18 -12.52 8.72
N CYS D 197 -19.56 -11.79 7.68
CA CYS D 197 -19.97 -10.38 7.76
C CYS D 197 -21.22 -10.22 8.58
N PHE D 198 -22.15 -11.16 8.40
CA PHE D 198 -23.37 -11.18 9.19
C PHE D 198 -23.05 -11.42 10.65
N LEU D 199 -22.19 -12.40 10.93
CA LEU D 199 -21.82 -12.69 12.30
C LEU D 199 -21.22 -11.47 12.94
N ALA D 200 -20.38 -10.74 12.19
CA ALA D 200 -19.59 -9.66 12.81
C ALA D 200 -20.55 -8.53 13.14
N GLN D 201 -21.49 -8.32 12.23
CA GLN D 201 -22.52 -7.29 12.46
C GLN D 201 -23.41 -7.66 13.65
N ALA D 202 -23.78 -8.95 13.71
CA ALA D 202 -24.63 -9.47 14.80
C ALA D 202 -23.96 -9.20 16.14
N LEU D 203 -22.64 -9.31 16.15
CA LEU D 203 -21.82 -9.22 17.36
C LEU D 203 -21.77 -7.77 17.78
N ILE D 204 -21.62 -6.86 16.81
CA ILE D 204 -21.60 -5.40 17.11
C ILE D 204 -22.96 -4.98 17.61
N VAL D 205 -24.02 -5.48 16.97
CA VAL D 205 -25.39 -5.09 17.39
C VAL D 205 -25.63 -5.50 18.84
N GLU D 206 -25.28 -6.73 19.15
CA GLU D 206 -25.53 -7.27 20.48
C GLU D 206 -24.69 -6.51 21.48
N THR D 207 -23.50 -6.08 21.06
CA THR D 207 -22.63 -5.28 21.92
C THR D 207 -23.27 -3.95 22.27
N LEU D 208 -23.84 -3.33 21.25
CA LEU D 208 -24.37 -1.98 21.37
C LEU D 208 -25.58 -2.07 22.28
N HIS D 209 -26.24 -3.21 22.17
CA HIS D 209 -27.48 -3.50 22.87
C HIS D 209 -27.19 -3.65 24.37
N LEU D 210 -26.09 -4.35 24.68
CA LEU D 210 -25.68 -4.56 26.07
C LEU D 210 -25.29 -3.21 26.66
N LEU D 211 -24.65 -2.41 25.81
CA LEU D 211 -24.06 -1.15 26.27
C LEU D 211 -25.18 -0.21 26.62
N VAL D 212 -26.15 -0.15 25.73
CA VAL D 212 -27.29 0.72 25.97
C VAL D 212 -28.05 0.31 27.26
N GLN D 213 -28.27 -0.99 27.41
CA GLN D 213 -29.03 -1.51 28.55
C GLN D 213 -28.35 -1.18 29.85
N GLN D 214 -27.08 -0.84 29.74
N GLN D 214 -27.05 -0.89 29.76
CA GLN D 214 -26.23 -0.60 30.89
CA GLN D 214 -26.19 -0.61 30.93
C GLN D 214 -26.01 0.89 31.05
C GLN D 214 -26.05 0.90 31.09
N GLY D 215 -26.64 1.63 30.17
CA GLY D 215 -26.76 3.08 30.31
C GLY D 215 -25.58 3.82 29.74
N PHE D 216 -24.87 3.13 28.86
N PHE D 216 -24.90 3.14 28.86
CA PHE D 216 -23.70 3.68 28.10
CA PHE D 216 -23.80 3.75 28.12
C PHE D 216 -24.18 4.23 26.76
C PHE D 216 -24.32 4.35 26.82
N GLU D 217 -23.60 5.36 26.35
CA GLU D 217 -23.94 6.05 25.08
C GLU D 217 -22.86 5.78 24.02
N PRO D 218 -22.92 4.61 23.35
CA PRO D 218 -21.76 4.30 22.54
C PRO D 218 -21.70 5.12 21.25
N PRO D 219 -20.49 5.50 20.82
CA PRO D 219 -20.24 6.20 19.55
C PRO D 219 -20.34 5.32 18.32
N VAL D 220 -21.34 5.63 17.52
CA VAL D 220 -21.67 4.84 16.36
C VAL D 220 -21.85 5.78 15.17
N PHE D 221 -21.10 5.55 14.11
CA PHE D 221 -21.17 6.43 12.92
C PHE D 221 -22.59 6.36 12.37
N LYS D 222 -23.16 7.52 12.13
CA LYS D 222 -24.51 7.66 11.54
C LYS D 222 -24.44 7.69 10.04
N SER D 223 -25.46 7.13 9.39
CA SER D 223 -25.51 7.25 7.93
C SER D 223 -25.84 8.71 7.60
N SER D 224 -25.27 9.15 6.48
CA SER D 224 -25.32 10.56 6.05
C SER D 224 -26.74 11.06 5.84
N ASN D 225 -27.64 10.11 5.63
CA ASN D 225 -29.05 10.42 5.36
C ASN D 225 -29.74 10.88 6.65
N VAL D 226 -29.04 10.72 7.77
CA VAL D 226 -29.61 11.13 9.07
C VAL D 226 -29.18 12.54 9.41
N ASP D 227 -30.11 13.28 10.00
CA ASP D 227 -29.90 14.69 10.40
C ASP D 227 -28.72 14.87 11.34
N GLY D 228 -27.80 15.72 10.92
CA GLY D 228 -26.63 16.05 11.73
C GLY D 228 -25.52 15.03 11.61
N ALA D 229 -25.76 14.06 10.75
CA ALA D 229 -24.84 12.92 10.56
C ALA D 229 -23.38 13.34 10.51
N ASP D 230 -23.11 14.35 9.70
CA ASP D 230 -21.72 14.68 9.37
C ASP D 230 -20.97 15.38 10.48
N LEU D 231 -21.64 16.30 11.18
CA LEU D 231 -20.97 16.98 12.29
C LEU D 231 -20.80 15.94 13.40
N TYR D 232 -21.78 15.04 13.52
CA TYR D 232 -21.77 14.02 14.57
C TYR D 232 -20.61 13.02 14.34
N ASN D 233 -20.48 12.64 13.09
CA ASN D 233 -19.48 11.65 12.66
C ASN D 233 -18.07 12.17 12.78
N ASP D 234 -17.95 13.48 12.63
CA ASP D 234 -16.64 14.10 12.55
C ASP D 234 -16.15 14.16 13.97
N LYS D 235 -17.11 14.41 14.86
CA LYS D 235 -16.82 14.55 16.28
C LYS D 235 -16.37 13.20 16.84
N ILE D 236 -17.17 12.15 16.62
CA ILE D 236 -16.81 10.82 17.19
C ILE D 236 -15.57 10.26 16.46
N PHE D 237 -15.33 10.67 15.22
CA PHE D 237 -14.08 10.31 14.59
C PHE D 237 -12.89 10.89 15.38
N ASN D 238 -12.90 12.20 15.54
CA ASN D 238 -11.78 12.87 16.19
C ASN D 238 -11.64 12.41 17.62
N GLU D 239 -12.74 11.96 18.17
CA GLU D 239 -12.80 11.68 19.59
C GLU D 239 -12.39 10.26 19.93
N TYR D 240 -12.64 9.36 18.98
CA TYR D 240 -12.61 7.93 19.29
C TYR D 240 -11.74 7.06 18.42
N VAL D 241 -11.61 7.45 17.15
CA VAL D 241 -10.98 6.62 16.13
C VAL D 241 -9.46 6.64 16.28
N LYS D 242 -8.97 5.44 16.58
CA LYS D 242 -7.56 5.12 16.62
C LYS D 242 -7.35 4.14 15.48
N TRP D 243 -6.34 4.45 14.68
CA TRP D 243 -6.07 3.64 13.51
C TRP D 243 -4.61 3.20 13.44
MG MG E . 10.36 5.47 -1.79
C ACT F . -1.82 10.32 2.13
O ACT F . -1.99 9.17 1.64
OXT ACT F . -1.05 10.46 3.12
CH3 ACT F . -2.57 11.50 1.58
C1 EDO G . 32.62 17.34 -6.71
O1 EDO G . 31.85 18.56 -6.66
C2 EDO G . 33.26 17.05 -5.34
O2 EDO G . 33.83 15.73 -5.28
C ACT H . 6.68 -7.68 -3.09
O ACT H . 5.81 -7.03 -2.43
OXT ACT H . 7.01 -7.21 -4.21
CH3 ACT H . 7.32 -8.92 -2.58
C1 EDO I . 8.58 -18.80 1.85
O1 EDO I . 9.12 -19.43 0.68
C2 EDO I . 9.57 -18.89 3.00
O2 EDO I . 9.48 -17.70 3.79
MG MG J . -10.39 -5.43 1.90
C ACT K . -5.06 0.12 -9.39
O ACT K . -5.20 -1.11 -9.58
OXT ACT K . -4.39 0.43 -8.36
CH3 ACT K . -5.64 1.08 -10.39
C1 EDO L . -12.53 5.41 5.33
O1 EDO L . -13.90 5.79 5.37
C2 EDO L . -12.06 5.14 6.78
O2 EDO L . -10.97 4.20 6.89
C ACT M . -0.28 -2.71 10.37
O ACT M . 0.09 -2.47 9.18
OXT ACT M . -1.34 -2.18 10.79
CH3 ACT M . 0.52 -3.57 11.23
C1 EDO N . -7.20 -17.25 6.54
O1 EDO N . -6.67 -17.42 7.86
C2 EDO N . -8.36 -18.21 6.22
O2 EDO N . -8.10 -19.61 6.59
C1 EDO O . -33.69 -16.99 5.49
O1 EDO O . -33.67 -15.82 4.64
C2 EDO O . -32.80 -18.07 4.90
O2 EDO O . -32.29 -18.94 5.92
#